data_336D
# 
_entry.id   336D 
# 
_audit_conform.dict_name       mmcif_pdbx.dic 
_audit_conform.dict_version    5.387 
_audit_conform.dict_location   http://mmcif.pdb.org/dictionaries/ascii/mmcif_pdbx.dic 
# 
loop_
_database_2.database_id 
_database_2.database_code 
_database_2.pdbx_database_accession 
_database_2.pdbx_DOI 
PDB   336D         pdb_0000336d 10.2210/pdb336d/pdb 
RCSB  ZDF053       ?            ?                   
WWPDB D_1000178805 ?            ?                   
# 
loop_
_pdbx_audit_revision_history.ordinal 
_pdbx_audit_revision_history.data_content_type 
_pdbx_audit_revision_history.major_revision 
_pdbx_audit_revision_history.minor_revision 
_pdbx_audit_revision_history.revision_date 
1 'Structure model' 1 0 1998-04-10 
2 'Structure model' 1 1 2008-05-22 
3 'Structure model' 1 2 2011-07-13 
4 'Structure model' 1 3 2024-02-21 
# 
_pdbx_audit_revision_details.ordinal             1 
_pdbx_audit_revision_details.revision_ordinal    1 
_pdbx_audit_revision_details.data_content_type   'Structure model' 
_pdbx_audit_revision_details.provider            repository 
_pdbx_audit_revision_details.type                'Initial release' 
_pdbx_audit_revision_details.description         ? 
_pdbx_audit_revision_details.details             ? 
# 
loop_
_pdbx_audit_revision_group.ordinal 
_pdbx_audit_revision_group.revision_ordinal 
_pdbx_audit_revision_group.data_content_type 
_pdbx_audit_revision_group.group 
1 2 'Structure model' 'Version format compliance' 
2 3 'Structure model' 'Version format compliance' 
3 4 'Structure model' 'Data collection'           
4 4 'Structure model' 'Database references'       
5 4 'Structure model' 'Derived calculations'      
# 
loop_
_pdbx_audit_revision_category.ordinal 
_pdbx_audit_revision_category.revision_ordinal 
_pdbx_audit_revision_category.data_content_type 
_pdbx_audit_revision_category.category 
1 4 'Structure model' chem_comp_atom         
2 4 'Structure model' chem_comp_bond         
3 4 'Structure model' database_2             
4 4 'Structure model' pdbx_struct_conn_angle 
5 4 'Structure model' struct_conn            
6 4 'Structure model' struct_site            
# 
loop_
_pdbx_audit_revision_item.ordinal 
_pdbx_audit_revision_item.revision_ordinal 
_pdbx_audit_revision_item.data_content_type 
_pdbx_audit_revision_item.item 
1  4 'Structure model' '_database_2.pdbx_DOI'                        
2  4 'Structure model' '_database_2.pdbx_database_accession'         
3  4 'Structure model' '_pdbx_struct_conn_angle.ptnr1_auth_asym_id'  
4  4 'Structure model' '_pdbx_struct_conn_angle.ptnr1_auth_seq_id'   
5  4 'Structure model' '_pdbx_struct_conn_angle.ptnr1_label_asym_id' 
6  4 'Structure model' '_pdbx_struct_conn_angle.ptnr3_auth_asym_id'  
7  4 'Structure model' '_pdbx_struct_conn_angle.ptnr3_auth_seq_id'   
8  4 'Structure model' '_pdbx_struct_conn_angle.ptnr3_label_asym_id' 
9  4 'Structure model' '_pdbx_struct_conn_angle.value'               
10 4 'Structure model' '_struct_conn.pdbx_dist_value'                
11 4 'Structure model' '_struct_conn.ptnr1_auth_asym_id'             
12 4 'Structure model' '_struct_conn.ptnr1_auth_comp_id'             
13 4 'Structure model' '_struct_conn.ptnr1_auth_seq_id'              
14 4 'Structure model' '_struct_conn.ptnr1_label_asym_id'            
15 4 'Structure model' '_struct_conn.ptnr1_label_atom_id'            
16 4 'Structure model' '_struct_conn.ptnr1_label_comp_id'            
17 4 'Structure model' '_struct_conn.ptnr2_auth_asym_id'             
18 4 'Structure model' '_struct_conn.ptnr2_auth_comp_id'             
19 4 'Structure model' '_struct_conn.ptnr2_auth_seq_id'              
20 4 'Structure model' '_struct_conn.ptnr2_label_asym_id'            
21 4 'Structure model' '_struct_conn.ptnr2_label_atom_id'            
22 4 'Structure model' '_struct_conn.ptnr2_label_comp_id'            
23 4 'Structure model' '_struct_site.pdbx_auth_asym_id'              
24 4 'Structure model' '_struct_site.pdbx_auth_comp_id'              
25 4 'Structure model' '_struct_site.pdbx_auth_seq_id'               
# 
_pdbx_database_status.status_code                     REL 
_pdbx_database_status.entry_id                        336D 
_pdbx_database_status.recvd_initial_deposition_date   1997-06-24 
_pdbx_database_status.deposit_site                    NDB 
_pdbx_database_status.process_site                    NDB 
_pdbx_database_status.SG_entry                        . 
_pdbx_database_status.pdb_format_compatible           Y 
_pdbx_database_status.status_code_mr                  ? 
_pdbx_database_status.status_code_sf                  ? 
_pdbx_database_status.status_code_cs                  ? 
_pdbx_database_status.status_code_nmr_data            ? 
_pdbx_database_status.methods_development_category    ? 
# 
loop_
_audit_author.name 
_audit_author.pdbx_ordinal 
'Ohishi, H.'        1 
'Terasoma, N.'      2 
'Nakanishi, I.'     3 
'Van Der Marel, G.' 4 
'Van Boom, J.H.'    5 
'Rich, A.'          6 
'Wang, A.H.-J.'     7 
'Hakoshima, T.'     8 
'Tomita, K.-I.'     9 
# 
_citation.id                        primary 
_citation.title                     
'Interaction between left-handed Z-DNA and polyamine - 3. The crystal structure of the d(CG)3 and thermospermine complex.' 
_citation.journal_abbrev            'FEBS Lett.' 
_citation.journal_volume            398 
_citation.page_first                291 
_citation.page_last                 296 
_citation.year                      1996 
_citation.journal_id_ASTM           FEBLAL 
_citation.country                   NE 
_citation.journal_id_ISSN           0014-5793 
_citation.journal_id_CSD            0165 
_citation.book_publisher            ? 
_citation.pdbx_database_id_PubMed   8977125 
_citation.pdbx_database_id_DOI      '10.1016/S0014-5793(96)01225-2' 
# 
loop_
_citation_author.citation_id 
_citation_author.name 
_citation_author.ordinal 
_citation_author.identifier_ORCID 
primary 'Ohishi, H.'        1 ? 
primary 'Terasoma, N.'      2 ? 
primary 'Nakanishi, I.'     3 ? 
primary 'van der Marel, G.' 4 ? 
primary 'van Boom, J.H.'    5 ? 
primary 'Rich, A.'          6 ? 
primary 'Wang, A.H.'        7 ? 
primary 'Hakoshima, T.'     8 ? 
primary 'Tomita, K.'        9 ? 
# 
loop_
_entity.id 
_entity.type 
_entity.src_method 
_entity.pdbx_description 
_entity.formula_weight 
_entity.pdbx_number_of_molecules 
_entity.pdbx_ec 
_entity.pdbx_mutation 
_entity.pdbx_fragment 
_entity.details 
1 polymer     syn 
;DNA (5'-D(*CP*GP*CP*GP*CP*G)-3')
;
1810.205 2  ? ? ? ? 
2 non-polymer syn 'N-(3-AMINO-PROPYL)-N-(5-AMINOPROPYL)-1,4-DIAMINOBUTANE' 202.340  2  ? ? ? ? 
3 non-polymer syn 'MAGNESIUM ION'                                          24.305   2  ? ? ? ? 
4 water       nat water                                                    18.015   72 ? ? ? ? 
# 
_entity_poly.entity_id                      1 
_entity_poly.type                           polydeoxyribonucleotide 
_entity_poly.nstd_linkage                   no 
_entity_poly.nstd_monomer                   no 
_entity_poly.pdbx_seq_one_letter_code       '(DC)(DG)(DC)(DG)(DC)(DG)' 
_entity_poly.pdbx_seq_one_letter_code_can   CGCGCG 
_entity_poly.pdbx_strand_id                 A,B 
_entity_poly.pdbx_target_identifier         ? 
# 
loop_
_pdbx_entity_nonpoly.entity_id 
_pdbx_entity_nonpoly.name 
_pdbx_entity_nonpoly.comp_id 
2 'N-(3-AMINO-PROPYL)-N-(5-AMINOPROPYL)-1,4-DIAMINOBUTANE' TER 
3 'MAGNESIUM ION'                                          MG  
4 water                                                    HOH 
# 
loop_
_entity_poly_seq.entity_id 
_entity_poly_seq.num 
_entity_poly_seq.mon_id 
_entity_poly_seq.hetero 
1 1 DC n 
1 2 DG n 
1 3 DC n 
1 4 DG n 
1 5 DC n 
1 6 DG n 
# 
loop_
_chem_comp.id 
_chem_comp.type 
_chem_comp.mon_nstd_flag 
_chem_comp.name 
_chem_comp.pdbx_synonyms 
_chem_comp.formula 
_chem_comp.formula_weight 
DC  'DNA linking' y "2'-DEOXYCYTIDINE-5'-MONOPHOSPHATE"                      ?                         'C9 H14 N3 O7 P'  307.197 
DG  'DNA linking' y "2'-DEOXYGUANOSINE-5'-MONOPHOSPHATE"                     ?                         'C10 H14 N5 O7 P' 347.221 
HOH non-polymer   . WATER                                                    ?                         'H2 O'            18.015  
MG  non-polymer   . 'MAGNESIUM ION'                                          ?                         'Mg 2'            24.305  
TER non-polymer   . 'N-(3-AMINO-PROPYL)-N-(5-AMINOPROPYL)-1,4-DIAMINOBUTANE' 'THERMOSPERMINE; PA(334)' 'C10 H26 N4'      202.340 
# 
loop_
_pdbx_poly_seq_scheme.asym_id 
_pdbx_poly_seq_scheme.entity_id 
_pdbx_poly_seq_scheme.seq_id 
_pdbx_poly_seq_scheme.mon_id 
_pdbx_poly_seq_scheme.ndb_seq_num 
_pdbx_poly_seq_scheme.pdb_seq_num 
_pdbx_poly_seq_scheme.auth_seq_num 
_pdbx_poly_seq_scheme.pdb_mon_id 
_pdbx_poly_seq_scheme.auth_mon_id 
_pdbx_poly_seq_scheme.pdb_strand_id 
_pdbx_poly_seq_scheme.pdb_ins_code 
_pdbx_poly_seq_scheme.hetero 
A 1 1 DC 1 1  1  DC C A . n 
A 1 2 DG 2 2  2  DG G A . n 
A 1 3 DC 3 3  3  DC C A . n 
A 1 4 DG 4 4  4  DG G A . n 
A 1 5 DC 5 5  5  DC C A . n 
A 1 6 DG 6 6  6  DG G A . n 
B 1 1 DC 1 7  7  DC C B . n 
B 1 2 DG 2 8  8  DG G B . n 
B 1 3 DC 3 9  9  DC C B . n 
B 1 4 DG 4 10 10 DG G B . n 
B 1 5 DC 5 11 11 DC C B . n 
B 1 6 DG 6 12 12 DG G B . n 
# 
loop_
_pdbx_nonpoly_scheme.asym_id 
_pdbx_nonpoly_scheme.entity_id 
_pdbx_nonpoly_scheme.mon_id 
_pdbx_nonpoly_scheme.ndb_seq_num 
_pdbx_nonpoly_scheme.pdb_seq_num 
_pdbx_nonpoly_scheme.auth_seq_num 
_pdbx_nonpoly_scheme.pdb_mon_id 
_pdbx_nonpoly_scheme.auth_mon_id 
_pdbx_nonpoly_scheme.pdb_strand_id 
_pdbx_nonpoly_scheme.pdb_ins_code 
C 2 TER 1  13 13 TER TER A . 
D 2 TER 1  14 14 TER TER A . 
E 3 MG  1  15 15 MG  MO6 B . 
F 3 MG  1  16 16 MG  MO6 B . 
G 4 HOH 1  19 19 HOH HOH A . 
G 4 HOH 2  20 20 HOH HOH A . 
G 4 HOH 3  21 21 HOH HOH A . 
G 4 HOH 4  22 22 HOH HOH A . 
G 4 HOH 5  23 23 HOH HOH A . 
G 4 HOH 6  24 24 HOH HOH A . 
G 4 HOH 7  27 27 HOH HOH A . 
G 4 HOH 8  28 28 HOH HOH A . 
G 4 HOH 9  29 29 HOH HOH A . 
G 4 HOH 10 31 31 HOH HOH A . 
G 4 HOH 11 32 32 HOH HOH A . 
G 4 HOH 12 33 33 HOH HOH A . 
G 4 HOH 13 35 35 HOH HOH A . 
G 4 HOH 14 36 36 HOH HOH A . 
G 4 HOH 15 39 39 HOH HOH A . 
G 4 HOH 16 41 41 HOH HOH A . 
G 4 HOH 17 42 42 HOH HOH A . 
G 4 HOH 18 43 43 HOH HOH A . 
G 4 HOH 19 46 46 HOH HOH A . 
G 4 HOH 20 47 47 HOH HOH A . 
G 4 HOH 21 48 48 HOH HOH A . 
G 4 HOH 22 49 49 HOH HOH A . 
G 4 HOH 23 51 51 HOH HOH A . 
G 4 HOH 24 52 52 HOH HOH A . 
G 4 HOH 25 53 53 HOH HOH A . 
G 4 HOH 26 55 55 HOH HOH A . 
G 4 HOH 27 56 56 HOH HOH A . 
G 4 HOH 28 61 61 HOH HOH A . 
G 4 HOH 29 62 62 HOH HOH A . 
G 4 HOH 30 63 63 HOH HOH A . 
G 4 HOH 31 64 64 HOH HOH A . 
G 4 HOH 32 65 65 HOH HOH A . 
G 4 HOH 33 66 66 HOH HOH A . 
G 4 HOH 34 67 67 HOH HOH A . 
G 4 HOH 35 69 69 HOH HOH A . 
G 4 HOH 36 74 74 HOH HOH A . 
G 4 HOH 37 75 75 HOH HOH A . 
G 4 HOH 38 76 76 HOH HOH A . 
G 4 HOH 39 77 77 HOH HOH A . 
G 4 HOH 40 78 78 HOH HOH A . 
G 4 HOH 41 81 15 HOH MO6 A . 
G 4 HOH 42 83 15 HOH MO6 A . 
G 4 HOH 43 85 16 HOH MO6 A . 
H 4 HOH 1  17 17 HOH HOH B . 
H 4 HOH 2  18 18 HOH HOH B . 
H 4 HOH 3  25 25 HOH HOH B . 
H 4 HOH 4  26 26 HOH HOH B . 
H 4 HOH 5  30 30 HOH HOH B . 
H 4 HOH 6  34 34 HOH HOH B . 
H 4 HOH 7  37 37 HOH HOH B . 
H 4 HOH 8  38 38 HOH HOH B . 
H 4 HOH 9  40 40 HOH HOH B . 
H 4 HOH 10 44 44 HOH HOH B . 
H 4 HOH 11 45 45 HOH HOH B . 
H 4 HOH 12 50 50 HOH HOH B . 
H 4 HOH 13 54 54 HOH HOH B . 
H 4 HOH 14 57 57 HOH HOH B . 
H 4 HOH 15 58 58 HOH HOH B . 
H 4 HOH 16 59 59 HOH HOH B . 
H 4 HOH 17 60 60 HOH HOH B . 
H 4 HOH 18 68 68 HOH HOH B . 
H 4 HOH 19 70 70 HOH HOH B . 
H 4 HOH 20 71 71 HOH HOH B . 
H 4 HOH 21 72 72 HOH HOH B . 
H 4 HOH 22 73 73 HOH HOH B . 
H 4 HOH 23 79 79 HOH HOH B . 
H 4 HOH 24 80 15 HOH MO6 B . 
H 4 HOH 25 82 15 HOH MO6 B . 
H 4 HOH 26 84 15 HOH MO6 B . 
H 4 HOH 27 86 16 HOH MO6 B . 
H 4 HOH 28 87 16 HOH MO6 B . 
H 4 HOH 29 88 16 HOH MO6 B . 
# 
loop_
_software.name 
_software.classification 
_software.version 
_software.citation_id 
_software.pdbx_ordinal 
AMoRE  phasing    . ? 1 
X-PLOR refinement . ? 2 
# 
_cell.entry_id           336D 
_cell.length_a           17.980 
_cell.length_b           31.510 
_cell.length_c           44.380 
_cell.angle_alpha        90.00 
_cell.angle_beta         90.00 
_cell.angle_gamma        90.00 
_cell.Z_PDB              8 
_cell.pdbx_unique_axis   ? 
# 
_symmetry.entry_id                         336D 
_symmetry.space_group_name_H-M             'P 21 21 21' 
_symmetry.pdbx_full_space_group_name_H-M   ? 
_symmetry.cell_setting                     ? 
_symmetry.Int_Tables_number                19 
# 
_exptl.entry_id          336D 
_exptl.method            'X-RAY DIFFRACTION' 
_exptl.crystals_number   ? 
# 
_exptl_crystal.id                    1 
_exptl_crystal.density_meas          ? 
_exptl_crystal.density_Matthews      1.74 
_exptl_crystal.density_percent_sol   29.16 
_exptl_crystal.description           ? 
# 
_exptl_crystal_grow.crystal_id      1 
_exptl_crystal_grow.method          'VAPOR DIFFUSION' 
_exptl_crystal_grow.temp            ? 
_exptl_crystal_grow.temp_details    ? 
_exptl_crystal_grow.pH              7.00 
_exptl_crystal_grow.pdbx_details    'pH 7.00, VAPOR DIFFUSION' 
_exptl_crystal_grow.pdbx_pH_range   ? 
# 
loop_
_exptl_crystal_grow_comp.crystal_id 
_exptl_crystal_grow_comp.id 
_exptl_crystal_grow_comp.sol_id 
_exptl_crystal_grow_comp.name 
_exptl_crystal_grow_comp.volume 
_exptl_crystal_grow_comp.conc 
_exptl_crystal_grow_comp.details 
1 1 1 WATER              ? ? ? 
1 2 2 THERMOSPERMINE_HCL ? ? ? 
1 3 3 MGCL2              ? ? ? 
1 4 4 'NA CACODYLATE'    ? ? ? 
# 
_diffrn.id                     1 
_diffrn.crystal_id             1 
_diffrn.ambient_temp           ? 
_diffrn.ambient_temp_details   ? 
# 
_diffrn_radiation.diffrn_id                        1 
_diffrn_radiation.wavelength_id                    1 
_diffrn_radiation.pdbx_monochromatic_or_laue_m_l   ? 
_diffrn_radiation.monochromator                    ? 
_diffrn_radiation.pdbx_diffrn_protocol             ? 
_diffrn_radiation.pdbx_scattering_type             x-ray 
# 
_diffrn_radiation_wavelength.id           1 
_diffrn_radiation_wavelength.wavelength   . 
_diffrn_radiation_wavelength.wt           1.0 
# 
_diffrn_source.diffrn_id                   1 
_diffrn_source.source                      ? 
_diffrn_source.type                        ? 
_diffrn_source.pdbx_synchrotron_site       ? 
_diffrn_source.pdbx_synchrotron_beamline   ? 
_diffrn_source.pdbx_wavelength             ? 
_diffrn_source.pdbx_wavelength_list        ? 
# 
_reflns.entry_id                     336D 
_reflns.observed_criterion_sigma_I   ? 
_reflns.observed_criterion_sigma_F   ? 
_reflns.d_resolution_low             ? 
_reflns.d_resolution_high            1.000 
_reflns.number_obs                   ? 
_reflns.number_all                   ? 
_reflns.percent_possible_obs         ? 
_reflns.pdbx_Rmerge_I_obs            ? 
_reflns.pdbx_Rsym_value              ? 
_reflns.pdbx_netI_over_sigmaI        ? 
_reflns.B_iso_Wilson_estimate        ? 
_reflns.pdbx_redundancy              ? 
_reflns.pdbx_diffrn_id               1 
_reflns.pdbx_ordinal                 1 
# 
_refine.entry_id                                 336D 
_refine.ls_number_reflns_obs                     ? 
_refine.ls_number_reflns_all                     ? 
_refine.pdbx_ls_sigma_I                          ? 
_refine.pdbx_ls_sigma_F                          3.000 
_refine.pdbx_data_cutoff_high_absF               ? 
_refine.pdbx_data_cutoff_low_absF                ? 
_refine.pdbx_data_cutoff_high_rms_absF           ? 
_refine.ls_d_res_low                             ? 
_refine.ls_d_res_high                            1.000 
_refine.ls_percent_reflns_obs                    ? 
_refine.ls_R_factor_obs                          0.1900000 
_refine.ls_R_factor_all                          ? 
_refine.ls_R_factor_R_work                       0.1900000 
_refine.ls_R_factor_R_free                       ? 
_refine.ls_R_factor_R_free_error                 ? 
_refine.ls_R_factor_R_free_error_details         ? 
_refine.ls_percent_reflns_R_free                 ? 
_refine.ls_number_reflns_R_free                  ? 
_refine.ls_number_parameters                     ? 
_refine.ls_number_restraints                     ? 
_refine.occupancy_min                            ? 
_refine.occupancy_max                            ? 
_refine.B_iso_mean                               ? 
_refine.aniso_B[1][1]                            ? 
_refine.aniso_B[2][2]                            ? 
_refine.aniso_B[3][3]                            ? 
_refine.aniso_B[1][2]                            ? 
_refine.aniso_B[1][3]                            ? 
_refine.aniso_B[2][3]                            ? 
_refine.solvent_model_details                    ? 
_refine.solvent_model_param_ksol                 ? 
_refine.solvent_model_param_bsol                 ? 
_refine.pdbx_ls_cross_valid_method               ? 
_refine.details                                  ? 
_refine.pdbx_starting_model                      ? 
_refine.pdbx_method_to_determine_struct          ? 
_refine.pdbx_isotropic_thermal_model             ? 
_refine.pdbx_stereochemistry_target_values       ? 
_refine.pdbx_stereochem_target_val_spec_case     ? 
_refine.pdbx_R_Free_selection_details            ? 
_refine.pdbx_overall_ESU_R                       ? 
_refine.pdbx_overall_ESU_R_Free                  ? 
_refine.overall_SU_ML                            ? 
_refine.overall_SU_B                             ? 
_refine.pdbx_refine_id                           'X-RAY DIFFRACTION' 
_refine.pdbx_diffrn_id                           1 
_refine.pdbx_TLS_residual_ADP_flag               ? 
_refine.correlation_coeff_Fo_to_Fc               ? 
_refine.correlation_coeff_Fo_to_Fc_free          ? 
_refine.pdbx_solvent_vdw_probe_radii             ? 
_refine.pdbx_solvent_ion_probe_radii             ? 
_refine.pdbx_solvent_shrinkage_radii             ? 
_refine.pdbx_overall_phase_error                 ? 
_refine.overall_SU_R_Cruickshank_DPI             ? 
_refine.pdbx_overall_SU_R_free_Cruickshank_DPI   ? 
_refine.pdbx_overall_SU_R_Blow_DPI               ? 
_refine.pdbx_overall_SU_R_free_Blow_DPI          ? 
# 
_refine_hist.pdbx_refine_id                   'X-RAY DIFFRACTION' 
_refine_hist.cycle_id                         LAST 
_refine_hist.pdbx_number_atoms_protein        0 
_refine_hist.pdbx_number_atoms_nucleic_acid   240 
_refine_hist.pdbx_number_atoms_ligand         39 
_refine_hist.number_atoms_solvent             63 
_refine_hist.number_atoms_total               342 
_refine_hist.d_res_high                       1.000 
_refine_hist.d_res_low                        . 
# 
_struct.entry_id                  336D 
_struct.title                     
'INTERACTION BETWEEN LEFT-HANDED Z-DNA AND POLYAMINE-3 THE CRYSTAL STRUCTURE OF THE D(CG)3 AND THERMOSPERMINE COMPLEX' 
_struct.pdbx_model_details        ? 
_struct.pdbx_CASP_flag            ? 
_struct.pdbx_model_type_details   ? 
# 
_struct_keywords.entry_id        336D 
_struct_keywords.pdbx_keywords   DNA 
_struct_keywords.text            'Z-DNA, DOUBLE HELIX, DNA' 
# 
loop_
_struct_asym.id 
_struct_asym.pdbx_blank_PDB_chainid_flag 
_struct_asym.pdbx_modified 
_struct_asym.entity_id 
_struct_asym.details 
A N N 1 ? 
B N N 1 ? 
C N N 2 ? 
D N N 2 ? 
E N N 3 ? 
F N N 3 ? 
G N N 4 ? 
H N N 4 ? 
# 
_struct_ref.id                         1 
_struct_ref.entity_id                  1 
_struct_ref.db_name                    PDB 
_struct_ref.db_code                    336D 
_struct_ref.pdbx_db_accession          336D 
_struct_ref.pdbx_db_isoform            ? 
_struct_ref.pdbx_seq_one_letter_code   ? 
_struct_ref.pdbx_align_begin           ? 
# 
loop_
_struct_ref_seq.align_id 
_struct_ref_seq.ref_id 
_struct_ref_seq.pdbx_PDB_id_code 
_struct_ref_seq.pdbx_strand_id 
_struct_ref_seq.seq_align_beg 
_struct_ref_seq.pdbx_seq_align_beg_ins_code 
_struct_ref_seq.seq_align_end 
_struct_ref_seq.pdbx_seq_align_end_ins_code 
_struct_ref_seq.pdbx_db_accession 
_struct_ref_seq.db_align_beg 
_struct_ref_seq.pdbx_db_align_beg_ins_code 
_struct_ref_seq.db_align_end 
_struct_ref_seq.pdbx_db_align_end_ins_code 
_struct_ref_seq.pdbx_auth_seq_align_beg 
_struct_ref_seq.pdbx_auth_seq_align_end 
1 1 336D A 1 ? 6 ? 336D 1 ? 6  ? 1 6  
2 1 336D B 1 ? 6 ? 336D 7 ? 12 ? 7 12 
# 
_pdbx_struct_assembly.id                   1 
_pdbx_struct_assembly.details              author_defined_assembly 
_pdbx_struct_assembly.method_details       ? 
_pdbx_struct_assembly.oligomeric_details   dimeric 
_pdbx_struct_assembly.oligomeric_count     2 
# 
_pdbx_struct_assembly_gen.assembly_id       1 
_pdbx_struct_assembly_gen.oper_expression   1 
_pdbx_struct_assembly_gen.asym_id_list      A,B,C,D,E,F,G,H 
# 
_pdbx_struct_oper_list.id                   1 
_pdbx_struct_oper_list.type                 'identity operation' 
_pdbx_struct_oper_list.name                 1_555 
_pdbx_struct_oper_list.symmetry_operation   x,y,z 
_pdbx_struct_oper_list.matrix[1][1]         1.0000000000 
_pdbx_struct_oper_list.matrix[1][2]         0.0000000000 
_pdbx_struct_oper_list.matrix[1][3]         0.0000000000 
_pdbx_struct_oper_list.vector[1]            0.0000000000 
_pdbx_struct_oper_list.matrix[2][1]         0.0000000000 
_pdbx_struct_oper_list.matrix[2][2]         1.0000000000 
_pdbx_struct_oper_list.matrix[2][3]         0.0000000000 
_pdbx_struct_oper_list.vector[2]            0.0000000000 
_pdbx_struct_oper_list.matrix[3][1]         0.0000000000 
_pdbx_struct_oper_list.matrix[3][2]         0.0000000000 
_pdbx_struct_oper_list.matrix[3][3]         1.0000000000 
_pdbx_struct_oper_list.vector[3]            0.0000000000 
# 
_struct_biol.id   1 
# 
loop_
_struct_conn.id 
_struct_conn.conn_type_id 
_struct_conn.pdbx_leaving_atom_flag 
_struct_conn.pdbx_PDB_id 
_struct_conn.ptnr1_label_asym_id 
_struct_conn.ptnr1_label_comp_id 
_struct_conn.ptnr1_label_seq_id 
_struct_conn.ptnr1_label_atom_id 
_struct_conn.pdbx_ptnr1_label_alt_id 
_struct_conn.pdbx_ptnr1_PDB_ins_code 
_struct_conn.pdbx_ptnr1_standard_comp_id 
_struct_conn.ptnr1_symmetry 
_struct_conn.ptnr2_label_asym_id 
_struct_conn.ptnr2_label_comp_id 
_struct_conn.ptnr2_label_seq_id 
_struct_conn.ptnr2_label_atom_id 
_struct_conn.pdbx_ptnr2_label_alt_id 
_struct_conn.pdbx_ptnr2_PDB_ins_code 
_struct_conn.ptnr1_auth_asym_id 
_struct_conn.ptnr1_auth_comp_id 
_struct_conn.ptnr1_auth_seq_id 
_struct_conn.ptnr2_auth_asym_id 
_struct_conn.ptnr2_auth_comp_id 
_struct_conn.ptnr2_auth_seq_id 
_struct_conn.ptnr2_symmetry 
_struct_conn.pdbx_ptnr3_label_atom_id 
_struct_conn.pdbx_ptnr3_label_seq_id 
_struct_conn.pdbx_ptnr3_label_comp_id 
_struct_conn.pdbx_ptnr3_label_asym_id 
_struct_conn.pdbx_ptnr3_label_alt_id 
_struct_conn.pdbx_ptnr3_PDB_ins_code 
_struct_conn.details 
_struct_conn.pdbx_dist_value 
_struct_conn.pdbx_value_order 
_struct_conn.pdbx_role 
metalc1  metalc ? ? G HOH . O  ? ? ? 1_555 E MG  . MG ? ? A HOH 81 B MG  15 1_555 ? ? ? ? ? ? ?            2.346 ? ? 
metalc2  metalc ? ? G HOH . O  ? ? ? 1_555 E MG  . MG ? ? A HOH 83 B MG  15 1_555 ? ? ? ? ? ? ?            1.912 ? ? 
metalc3  metalc ? ? G HOH . O  ? ? ? 1_555 F MG  . MG ? ? A HOH 83 B MG  16 1_555 ? ? ? ? ? ? ?            2.067 ? ? 
metalc4  metalc ? ? E MG  . MG ? ? ? 1_555 H HOH . O  ? ? B MG  15 B HOH 80 1_555 ? ? ? ? ? ? ?            2.153 ? ? 
metalc5  metalc ? ? E MG  . MG ? ? ? 1_555 H HOH . O  ? ? B MG  15 B HOH 82 1_555 ? ? ? ? ? ? ?            2.188 ? ? 
metalc6  metalc ? ? E MG  . MG ? ? ? 1_555 H HOH . O  ? ? B MG  15 B HOH 84 1_555 ? ? ? ? ? ? ?            2.359 ? ? 
metalc7  metalc ? ? F MG  . MG ? ? ? 1_555 H HOH . O  ? ? B MG  16 B HOH 84 1_555 ? ? ? ? ? ? ?            2.221 ? ? 
metalc8  metalc ? ? F MG  . MG ? ? ? 1_555 H HOH . O  ? ? B MG  16 B HOH 86 1_555 ? ? ? ? ? ? ?            2.276 ? ? 
metalc9  metalc ? ? F MG  . MG ? ? ? 1_555 H HOH . O  ? ? B MG  16 B HOH 88 1_555 ? ? ? ? ? ? ?            1.993 ? ? 
hydrog1  hydrog ? ? A DC  1 N3 ? ? ? 1_555 B DG  6 N1 ? ? A DC  1  B DG  12 1_555 ? ? ? ? ? ? WATSON-CRICK ?     ? ? 
hydrog2  hydrog ? ? A DC  1 N4 ? ? ? 1_555 B DG  6 O6 ? ? A DC  1  B DG  12 1_555 ? ? ? ? ? ? WATSON-CRICK ?     ? ? 
hydrog3  hydrog ? ? A DC  1 O2 ? ? ? 1_555 B DG  6 N2 ? ? A DC  1  B DG  12 1_555 ? ? ? ? ? ? WATSON-CRICK ?     ? ? 
hydrog4  hydrog ? ? A DG  2 N1 ? ? ? 1_555 B DC  5 N3 ? ? A DG  2  B DC  11 1_555 ? ? ? ? ? ? WATSON-CRICK ?     ? ? 
hydrog5  hydrog ? ? A DG  2 N2 ? ? ? 1_555 B DC  5 O2 ? ? A DG  2  B DC  11 1_555 ? ? ? ? ? ? WATSON-CRICK ?     ? ? 
hydrog6  hydrog ? ? A DG  2 O6 ? ? ? 1_555 B DC  5 N4 ? ? A DG  2  B DC  11 1_555 ? ? ? ? ? ? WATSON-CRICK ?     ? ? 
hydrog7  hydrog ? ? A DC  3 N3 ? ? ? 1_555 B DG  4 N1 ? ? A DC  3  B DG  10 1_555 ? ? ? ? ? ? WATSON-CRICK ?     ? ? 
hydrog8  hydrog ? ? A DC  3 N4 ? ? ? 1_555 B DG  4 O6 ? ? A DC  3  B DG  10 1_555 ? ? ? ? ? ? WATSON-CRICK ?     ? ? 
hydrog9  hydrog ? ? A DC  3 O2 ? ? ? 1_555 B DG  4 N2 ? ? A DC  3  B DG  10 1_555 ? ? ? ? ? ? WATSON-CRICK ?     ? ? 
hydrog10 hydrog ? ? A DG  4 N1 ? ? ? 1_555 B DC  3 N3 ? ? A DG  4  B DC  9  1_555 ? ? ? ? ? ? WATSON-CRICK ?     ? ? 
hydrog11 hydrog ? ? A DG  4 N2 ? ? ? 1_555 B DC  3 O2 ? ? A DG  4  B DC  9  1_555 ? ? ? ? ? ? WATSON-CRICK ?     ? ? 
hydrog12 hydrog ? ? A DG  4 O6 ? ? ? 1_555 B DC  3 N4 ? ? A DG  4  B DC  9  1_555 ? ? ? ? ? ? WATSON-CRICK ?     ? ? 
hydrog13 hydrog ? ? A DC  5 N3 ? ? ? 1_555 B DG  2 N1 ? ? A DC  5  B DG  8  1_555 ? ? ? ? ? ? WATSON-CRICK ?     ? ? 
hydrog14 hydrog ? ? A DC  5 N4 ? ? ? 1_555 B DG  2 O6 ? ? A DC  5  B DG  8  1_555 ? ? ? ? ? ? WATSON-CRICK ?     ? ? 
hydrog15 hydrog ? ? A DC  5 O2 ? ? ? 1_555 B DG  2 N2 ? ? A DC  5  B DG  8  1_555 ? ? ? ? ? ? WATSON-CRICK ?     ? ? 
hydrog16 hydrog ? ? A DG  6 N1 ? ? ? 1_555 B DC  1 N3 ? ? A DG  6  B DC  7  1_555 ? ? ? ? ? ? WATSON-CRICK ?     ? ? 
hydrog17 hydrog ? ? A DG  6 N2 ? ? ? 1_555 B DC  1 O2 ? ? A DG  6  B DC  7  1_555 ? ? ? ? ? ? WATSON-CRICK ?     ? ? 
hydrog18 hydrog ? ? A DG  6 O6 ? ? ? 1_555 B DC  1 N4 ? ? A DG  6  B DC  7  1_555 ? ? ? ? ? ? WATSON-CRICK ?     ? ? 
# 
loop_
_struct_conn_type.id 
_struct_conn_type.criteria 
_struct_conn_type.reference 
metalc ? ? 
hydrog ? ? 
# 
loop_
_pdbx_struct_conn_angle.id 
_pdbx_struct_conn_angle.ptnr1_label_atom_id 
_pdbx_struct_conn_angle.ptnr1_label_alt_id 
_pdbx_struct_conn_angle.ptnr1_label_asym_id 
_pdbx_struct_conn_angle.ptnr1_label_comp_id 
_pdbx_struct_conn_angle.ptnr1_label_seq_id 
_pdbx_struct_conn_angle.ptnr1_auth_atom_id 
_pdbx_struct_conn_angle.ptnr1_auth_asym_id 
_pdbx_struct_conn_angle.ptnr1_auth_comp_id 
_pdbx_struct_conn_angle.ptnr1_auth_seq_id 
_pdbx_struct_conn_angle.ptnr1_PDB_ins_code 
_pdbx_struct_conn_angle.ptnr1_symmetry 
_pdbx_struct_conn_angle.ptnr2_label_atom_id 
_pdbx_struct_conn_angle.ptnr2_label_alt_id 
_pdbx_struct_conn_angle.ptnr2_label_asym_id 
_pdbx_struct_conn_angle.ptnr2_label_comp_id 
_pdbx_struct_conn_angle.ptnr2_label_seq_id 
_pdbx_struct_conn_angle.ptnr2_auth_atom_id 
_pdbx_struct_conn_angle.ptnr2_auth_asym_id 
_pdbx_struct_conn_angle.ptnr2_auth_comp_id 
_pdbx_struct_conn_angle.ptnr2_auth_seq_id 
_pdbx_struct_conn_angle.ptnr2_PDB_ins_code 
_pdbx_struct_conn_angle.ptnr2_symmetry 
_pdbx_struct_conn_angle.ptnr3_label_atom_id 
_pdbx_struct_conn_angle.ptnr3_label_alt_id 
_pdbx_struct_conn_angle.ptnr3_label_asym_id 
_pdbx_struct_conn_angle.ptnr3_label_comp_id 
_pdbx_struct_conn_angle.ptnr3_label_seq_id 
_pdbx_struct_conn_angle.ptnr3_auth_atom_id 
_pdbx_struct_conn_angle.ptnr3_auth_asym_id 
_pdbx_struct_conn_angle.ptnr3_auth_comp_id 
_pdbx_struct_conn_angle.ptnr3_auth_seq_id 
_pdbx_struct_conn_angle.ptnr3_PDB_ins_code 
_pdbx_struct_conn_angle.ptnr3_symmetry 
_pdbx_struct_conn_angle.value 
_pdbx_struct_conn_angle.value_esd 
1  O ? G HOH . ? A HOH 81 ? 1_555 MG ? E MG . ? B MG 15 ? 1_555 O ? G HOH . ? A HOH 83 ? 1_555 68.6  ? 
2  O ? G HOH . ? A HOH 81 ? 1_555 MG ? E MG . ? B MG 15 ? 1_555 O ? H HOH . ? B HOH 80 ? 1_555 168.5 ? 
3  O ? G HOH . ? A HOH 83 ? 1_555 MG ? E MG . ? B MG 15 ? 1_555 O ? H HOH . ? B HOH 80 ? 1_555 116.8 ? 
4  O ? G HOH . ? A HOH 81 ? 1_555 MG ? E MG . ? B MG 15 ? 1_555 O ? H HOH . ? B HOH 82 ? 1_555 75.8  ? 
5  O ? G HOH . ? A HOH 83 ? 1_555 MG ? E MG . ? B MG 15 ? 1_555 O ? H HOH . ? B HOH 82 ? 1_555 143.4 ? 
6  O ? H HOH . ? B HOH 80 ? 1_555 MG ? E MG . ? B MG 15 ? 1_555 O ? H HOH . ? B HOH 82 ? 1_555 99.7  ? 
7  O ? G HOH . ? A HOH 81 ? 1_555 MG ? E MG . ? B MG 15 ? 1_555 O ? H HOH . ? B HOH 84 ? 1_555 104.5 ? 
8  O ? G HOH . ? A HOH 83 ? 1_555 MG ? E MG . ? B MG 15 ? 1_555 O ? H HOH . ? B HOH 84 ? 1_555 88.8  ? 
9  O ? H HOH . ? B HOH 80 ? 1_555 MG ? E MG . ? B MG 15 ? 1_555 O ? H HOH . ? B HOH 84 ? 1_555 86.1  ? 
10 O ? H HOH . ? B HOH 82 ? 1_555 MG ? E MG . ? B MG 15 ? 1_555 O ? H HOH . ? B HOH 84 ? 1_555 92.0  ? 
11 O ? G HOH . ? A HOH 83 ? 1_555 MG ? F MG . ? B MG 16 ? 1_555 O ? H HOH . ? B HOH 84 ? 1_555 88.9  ? 
12 O ? G HOH . ? A HOH 83 ? 1_555 MG ? F MG . ? B MG 16 ? 1_555 O ? H HOH . ? B HOH 86 ? 1_555 115.6 ? 
13 O ? H HOH . ? B HOH 84 ? 1_555 MG ? F MG . ? B MG 16 ? 1_555 O ? H HOH . ? B HOH 86 ? 1_555 130.2 ? 
14 O ? G HOH . ? A HOH 83 ? 1_555 MG ? F MG . ? B MG 16 ? 1_555 O ? H HOH . ? B HOH 88 ? 1_555 146.2 ? 
15 O ? H HOH . ? B HOH 84 ? 1_555 MG ? F MG . ? B MG 16 ? 1_555 O ? H HOH . ? B HOH 88 ? 1_555 89.4  ? 
16 O ? H HOH . ? B HOH 86 ? 1_555 MG ? F MG . ? B MG 16 ? 1_555 O ? H HOH . ? B HOH 88 ? 1_555 90.6  ? 
# 
loop_
_struct_site.id 
_struct_site.pdbx_evidence_code 
_struct_site.pdbx_auth_asym_id 
_struct_site.pdbx_auth_comp_id 
_struct_site.pdbx_auth_seq_id 
_struct_site.pdbx_auth_ins_code 
_struct_site.pdbx_num_residues 
_struct_site.details 
AC1 Software A TER 13 ? 15 'BINDING SITE FOR RESIDUE TER A 13' 
AC2 Software A TER 14 ? 10 'BINDING SITE FOR RESIDUE TER A 14' 
AC3 Software B MG  15 ? 9  'BINDING SITE FOR RESIDUE MG B 15'  
AC4 Software B MG  16 ? 8  'BINDING SITE FOR RESIDUE MG B 16'  
# 
loop_
_struct_site_gen.id 
_struct_site_gen.site_id 
_struct_site_gen.pdbx_num_res 
_struct_site_gen.label_comp_id 
_struct_site_gen.label_asym_id 
_struct_site_gen.label_seq_id 
_struct_site_gen.pdbx_auth_ins_code 
_struct_site_gen.auth_comp_id 
_struct_site_gen.auth_asym_id 
_struct_site_gen.auth_seq_id 
_struct_site_gen.label_atom_id 
_struct_site_gen.label_alt_id 
_struct_site_gen.symmetry 
_struct_site_gen.details 
1  AC1 15 DC  A 3 ? DC  A 3  . ? 1_655 ? 
2  AC1 15 DG  A 4 ? DG  A 4  . ? 1_555 ? 
3  AC1 15 DG  A 4 ? DG  A 4  . ? 1_655 ? 
4  AC1 15 DC  A 5 ? DC  A 5  . ? 1_555 ? 
5  AC1 15 DG  A 6 ? DG  A 6  . ? 1_555 ? 
6  AC1 15 HOH G . ? HOH A 31 . ? 1_655 ? 
7  AC1 15 HOH G . ? HOH A 35 . ? 1_655 ? 
8  AC1 15 HOH G . ? HOH A 43 . ? 1_655 ? 
9  AC1 15 HOH G . ? HOH A 52 . ? 1_655 ? 
10 AC1 15 HOH G . ? HOH A 74 . ? 1_555 ? 
11 AC1 15 HOH G . ? HOH A 76 . ? 1_555 ? 
12 AC1 15 DG  B 2 ? DG  B 8  . ? 3_755 ? 
13 AC1 15 DC  B 3 ? DC  B 9  . ? 3_755 ? 
14 AC1 15 DG  B 4 ? DG  B 10 . ? 3_755 ? 
15 AC1 15 HOH H . ? HOH B 44 . ? 3_755 ? 
16 AC2 10 DC  A 3 ? DC  A 3  . ? 4_465 ? 
17 AC2 10 DC  A 3 ? DC  A 3  . ? 1_555 ? 
18 AC2 10 DG  A 4 ? DG  A 4  . ? 4_465 ? 
19 AC2 10 HOH G . ? HOH A 31 . ? 1_555 ? 
20 AC2 10 HOH G . ? HOH A 32 . ? 1_555 ? 
21 AC2 10 HOH G . ? HOH A 66 . ? 1_555 ? 
22 AC2 10 DC  B 1 ? DC  B 7  . ? 3_655 ? 
23 AC2 10 DG  B 2 ? DG  B 8  . ? 3_655 ? 
24 AC2 10 DG  B 6 ? DG  B 12 . ? 4_465 ? 
25 AC2 10 HOH H . ? HOH B 58 . ? 4_465 ? 
26 AC3 9  DG  A 6 ? DG  A 6  . ? 3_645 ? 
27 AC3 9  HOH G . ? HOH A 81 . ? 1_555 ? 
28 AC3 9  HOH G . ? HOH A 83 . ? 1_555 ? 
29 AC3 9  HOH G . ? HOH A 85 . ? 1_555 ? 
30 AC3 9  MG  F . ? MG  B 16 . ? 1_555 ? 
31 AC3 9  HOH H . ? HOH B 73 . ? 1_555 ? 
32 AC3 9  HOH H . ? HOH B 80 . ? 1_555 ? 
33 AC3 9  HOH H . ? HOH B 82 . ? 1_555 ? 
34 AC3 9  HOH H . ? HOH B 84 . ? 1_555 ? 
35 AC4 8  HOH G . ? HOH A 83 . ? 1_555 ? 
36 AC4 8  HOH G . ? HOH A 85 . ? 1_555 ? 
37 AC4 8  DG  B 4 ? DG  B 10 . ? 1_555 ? 
38 AC4 8  MG  E . ? MG  B 15 . ? 1_555 ? 
39 AC4 8  HOH H . ? HOH B 84 . ? 1_555 ? 
40 AC4 8  HOH H . ? HOH B 86 . ? 1_555 ? 
41 AC4 8  HOH H . ? HOH B 87 . ? 1_555 ? 
42 AC4 8  HOH H . ? HOH B 88 . ? 1_555 ? 
# 
loop_
_pdbx_validate_close_contact.id 
_pdbx_validate_close_contact.PDB_model_num 
_pdbx_validate_close_contact.auth_atom_id_1 
_pdbx_validate_close_contact.auth_asym_id_1 
_pdbx_validate_close_contact.auth_comp_id_1 
_pdbx_validate_close_contact.auth_seq_id_1 
_pdbx_validate_close_contact.PDB_ins_code_1 
_pdbx_validate_close_contact.label_alt_id_1 
_pdbx_validate_close_contact.auth_atom_id_2 
_pdbx_validate_close_contact.auth_asym_id_2 
_pdbx_validate_close_contact.auth_comp_id_2 
_pdbx_validate_close_contact.auth_seq_id_2 
_pdbx_validate_close_contact.PDB_ins_code_2 
_pdbx_validate_close_contact.label_alt_id_2 
_pdbx_validate_close_contact.dist 
1  1 O   A HOH 48 ? ? O  A HOH 75 ? ? 1.89 
2  1 N14 A TER 14 ? ? O  A HOH 32 ? ? 1.90 
3  1 O   A HOH 63 ? ? O  B HOH 68 ? ? 1.95 
4  1 O   A HOH 33 ? ? O  B HOH 60 ? ? 2.02 
5  1 O   A HOH 41 ? ? O  B HOH 72 ? ? 2.02 
6  1 N1  A TER 14 ? ? O  A HOH 66 ? ? 2.08 
7  1 OP1 A DC  3  ? ? N9 A TER 14 ? ? 2.12 
8  1 C2  A TER 13 ? ? O  A HOH 76 ? ? 2.12 
9  1 O   B HOH 25 ? ? O  B HOH 26 ? ? 2.13 
10 1 O   B HOH 72 ? ? O  B HOH 80 ? ? 2.14 
11 1 OP1 B DC  11 ? ? O  B HOH 18 ? ? 2.16 
12 1 O6  B DG  10 ? ? O  B HOH 88 ? ? 2.18 
# 
loop_
_pdbx_validate_symm_contact.id 
_pdbx_validate_symm_contact.PDB_model_num 
_pdbx_validate_symm_contact.auth_atom_id_1 
_pdbx_validate_symm_contact.auth_asym_id_1 
_pdbx_validate_symm_contact.auth_comp_id_1 
_pdbx_validate_symm_contact.auth_seq_id_1 
_pdbx_validate_symm_contact.PDB_ins_code_1 
_pdbx_validate_symm_contact.label_alt_id_1 
_pdbx_validate_symm_contact.site_symmetry_1 
_pdbx_validate_symm_contact.auth_atom_id_2 
_pdbx_validate_symm_contact.auth_asym_id_2 
_pdbx_validate_symm_contact.auth_comp_id_2 
_pdbx_validate_symm_contact.auth_seq_id_2 
_pdbx_validate_symm_contact.PDB_ins_code_2 
_pdbx_validate_symm_contact.label_alt_id_2 
_pdbx_validate_symm_contact.site_symmetry_2 
_pdbx_validate_symm_contact.dist 
1  1 N7    A DG  6  ? ? 1_555 O B HOH 73 ? ? 3_655 1.52 
2  1 "O5'" A DG  2  ? ? 1_555 O A HOH 64 ? ? 4_465 1.57 
3  1 O6    A DG  6  ? ? 1_555 O A HOH 41 ? ? 3_655 1.57 
4  1 "C5'" A DG  2  ? ? 1_555 O A HOH 64 ? ? 4_465 1.61 
5  1 "O4'" B DC  11 ? ? 1_555 O A HOH 65 ? ? 4_565 1.70 
6  1 "C4'" B DC  11 ? ? 1_555 O A HOH 65 ? ? 4_565 1.85 
7  1 O     A HOH 78 ? ? 1_555 O B HOH 45 ? ? 1_655 1.94 
8  1 C5    A DG  6  ? ? 1_555 O B HOH 73 ? ? 3_655 1.96 
9  1 "O4'" A DC  1  ? ? 1_555 O A HOH 67 ? ? 4_565 1.96 
10 1 O     A HOH 42 ? ? 1_555 O A HOH 74 ? ? 1_455 1.97 
11 1 "O3'" B DC  11 ? ? 1_555 O A HOH 65 ? ? 4_565 1.99 
12 1 "C4'" A DC  1  ? ? 1_555 O A HOH 64 ? ? 4_465 2.04 
13 1 O     A HOH 35 ? ? 1_555 O B HOH 68 ? ? 1_455 2.06 
14 1 "C1'" A DC  1  ? ? 1_555 O A HOH 67 ? ? 4_565 2.07 
15 1 C10   A TER 13 ? ? 1_555 O A HOH 52 ? ? 1_655 2.08 
16 1 N2    A DG  2  ? ? 1_555 O A HOH 67 ? ? 4_565 2.09 
17 1 "O4'" A DG  2  ? ? 1_555 O A HOH 64 ? ? 4_465 2.13 
18 1 "C1'" B DC  11 ? ? 1_555 O A HOH 65 ? ? 4_565 2.14 
# 
loop_
_pdbx_validate_rmsd_bond.id 
_pdbx_validate_rmsd_bond.PDB_model_num 
_pdbx_validate_rmsd_bond.auth_atom_id_1 
_pdbx_validate_rmsd_bond.auth_asym_id_1 
_pdbx_validate_rmsd_bond.auth_comp_id_1 
_pdbx_validate_rmsd_bond.auth_seq_id_1 
_pdbx_validate_rmsd_bond.PDB_ins_code_1 
_pdbx_validate_rmsd_bond.label_alt_id_1 
_pdbx_validate_rmsd_bond.auth_atom_id_2 
_pdbx_validate_rmsd_bond.auth_asym_id_2 
_pdbx_validate_rmsd_bond.auth_comp_id_2 
_pdbx_validate_rmsd_bond.auth_seq_id_2 
_pdbx_validate_rmsd_bond.PDB_ins_code_2 
_pdbx_validate_rmsd_bond.label_alt_id_2 
_pdbx_validate_rmsd_bond.bond_value 
_pdbx_validate_rmsd_bond.bond_target_value 
_pdbx_validate_rmsd_bond.bond_deviation 
_pdbx_validate_rmsd_bond.bond_standard_deviation 
_pdbx_validate_rmsd_bond.linker_flag 
1  1 "C2'" A DC 1  ? ? "C1'" A DC 1  ? ? 1.612 1.519 0.093  0.010 N 
2  1 "C1'" A DC 1  ? ? N1    A DC 1  ? ? 1.575 1.488 0.087  0.013 N 
3  1 "C5'" A DG 2  ? ? "C4'" A DG 2  ? ? 1.590 1.512 0.078  0.007 N 
4  1 "O4'" A DG 2  ? ? "C4'" A DG 2  ? ? 1.359 1.446 -0.087 0.010 N 
5  1 C4    A DG 2  ? ? C5    A DG 2  ? ? 1.332 1.379 -0.047 0.007 N 
6  1 "C4'" A DC 3  ? ? "C3'" A DC 3  ? ? 1.607 1.529 0.078  0.010 N 
7  1 "C2'" A DC 3  ? ? "C1'" A DC 3  ? ? 1.582 1.519 0.063  0.010 N 
8  1 "C1'" A DC 3  ? ? N1    A DC 3  ? ? 1.572 1.488 0.084  0.013 N 
9  1 P     A DG 4  ? ? "O5'" A DG 4  ? ? 1.674 1.593 0.081  0.010 N 
10 1 "C5'" A DG 4  ? ? "C4'" A DG 4  ? ? 1.556 1.512 0.044  0.007 N 
11 1 "C3'" A DG 4  ? ? "C2'" A DG 4  ? ? 1.408 1.516 -0.108 0.008 N 
12 1 "O4'" A DG 4  ? ? "C1'" A DG 4  ? ? 1.493 1.420 0.073  0.011 N 
13 1 "O4'" A DG 4  ? ? "C4'" A DG 4  ? ? 1.334 1.446 -0.112 0.010 N 
14 1 N3    A DG 4  ? ? C4    A DG 4  ? ? 1.409 1.350 0.059  0.007 N 
15 1 C4    A DG 4  ? ? C5    A DG 4  ? ? 1.306 1.379 -0.073 0.007 N 
16 1 C6    A DG 4  ? ? N1    A DG 4  ? ? 1.332 1.391 -0.059 0.007 N 
17 1 C2    A DG 4  ? ? N2    A DG 4  ? ? 1.279 1.341 -0.062 0.010 N 
18 1 "C2'" A DC 5  ? ? "C1'" A DC 5  ? ? 1.644 1.519 0.125  0.010 N 
19 1 N1    A DC 5  ? ? C6    A DC 5  ? ? 1.404 1.367 0.037  0.006 N 
20 1 N3    A DC 5  ? ? C4    A DC 5  ? ? 1.405 1.335 0.070  0.007 N 
21 1 P     A DG 6  ? ? OP2   A DG 6  ? ? 1.366 1.485 -0.119 0.017 N 
22 1 "C4'" A DG 6  ? ? "C3'" A DG 6  ? ? 1.456 1.521 -0.065 0.010 N 
23 1 "C2'" A DG 6  ? ? "C1'" A DG 6  ? ? 1.639 1.519 0.120  0.010 N 
24 1 "C3'" B DC 7  ? ? "C2'" B DC 7  ? ? 1.442 1.516 -0.074 0.008 N 
25 1 "C2'" B DC 7  ? ? "C1'" B DC 7  ? ? 1.606 1.519 0.087  0.010 N 
26 1 "O4'" B DC 7  ? ? "C4'" B DC 7  ? ? 1.378 1.446 -0.068 0.010 N 
27 1 N1    B DC 7  ? ? C2    B DC 7  ? ? 1.335 1.397 -0.062 0.010 N 
28 1 C4    B DC 7  ? ? C5    B DC 7  ? ? 1.351 1.425 -0.074 0.008 N 
29 1 "C3'" B DG 8  ? ? "C2'" B DG 8  ? ? 1.453 1.516 -0.063 0.008 N 
30 1 "C2'" B DG 8  ? ? "C1'" B DG 8  ? ? 1.592 1.519 0.073  0.010 N 
31 1 "O4'" B DG 8  ? ? "C1'" B DG 8  ? ? 1.341 1.418 -0.077 0.012 N 
32 1 "C1'" B DG 8  ? ? N9    B DG 8  ? ? 1.378 1.468 -0.090 0.014 N 
33 1 N1    B DG 8  ? ? C2    B DG 8  ? ? 1.317 1.373 -0.056 0.008 N 
34 1 C6    B DG 8  ? ? N1    B DG 8  ? ? 1.324 1.391 -0.067 0.007 N 
35 1 N7    B DG 8  ? ? C8    B DG 8  ? ? 1.389 1.305 0.084  0.006 N 
36 1 C8    B DG 8  ? ? N9    B DG 8  ? ? 1.291 1.374 -0.083 0.007 N 
37 1 C2    B DG 8  ? ? N2    B DG 8  ? ? 1.245 1.341 -0.096 0.010 N 
38 1 "C5'" B DC 9  ? ? "C4'" B DC 9  ? ? 1.581 1.512 0.069  0.007 N 
39 1 "C2'" B DC 9  ? ? "C1'" B DC 9  ? ? 1.620 1.519 0.101  0.010 N 
40 1 "C5'" B DG 10 ? ? "C4'" B DG 10 ? ? 1.436 1.509 -0.073 0.011 N 
41 1 C6    B DG 10 ? ? N1    B DG 10 ? ? 1.325 1.391 -0.066 0.007 N 
42 1 C5    B DG 10 ? ? N7    B DG 10 ? ? 1.342 1.388 -0.046 0.006 N 
43 1 C2    B DG 10 ? ? N2    B DG 10 ? ? 1.254 1.341 -0.087 0.010 N 
44 1 "C2'" B DG 12 ? ? "C1'" B DG 12 ? ? 1.584 1.519 0.065  0.010 N 
45 1 "O4'" B DG 12 ? ? "C1'" B DG 12 ? ? 1.502 1.420 0.082  0.011 N 
46 1 N3    B DG 12 ? ? C4    B DG 12 ? ? 1.304 1.350 -0.046 0.007 N 
47 1 N7    B DG 12 ? ? C8    B DG 12 ? ? 1.349 1.305 0.044  0.006 N 
48 1 C2    B DG 12 ? ? N2    B DG 12 ? ? 1.253 1.341 -0.088 0.010 N 
# 
loop_
_pdbx_validate_rmsd_angle.id 
_pdbx_validate_rmsd_angle.PDB_model_num 
_pdbx_validate_rmsd_angle.auth_atom_id_1 
_pdbx_validate_rmsd_angle.auth_asym_id_1 
_pdbx_validate_rmsd_angle.auth_comp_id_1 
_pdbx_validate_rmsd_angle.auth_seq_id_1 
_pdbx_validate_rmsd_angle.PDB_ins_code_1 
_pdbx_validate_rmsd_angle.label_alt_id_1 
_pdbx_validate_rmsd_angle.auth_atom_id_2 
_pdbx_validate_rmsd_angle.auth_asym_id_2 
_pdbx_validate_rmsd_angle.auth_comp_id_2 
_pdbx_validate_rmsd_angle.auth_seq_id_2 
_pdbx_validate_rmsd_angle.PDB_ins_code_2 
_pdbx_validate_rmsd_angle.label_alt_id_2 
_pdbx_validate_rmsd_angle.auth_atom_id_3 
_pdbx_validate_rmsd_angle.auth_asym_id_3 
_pdbx_validate_rmsd_angle.auth_comp_id_3 
_pdbx_validate_rmsd_angle.auth_seq_id_3 
_pdbx_validate_rmsd_angle.PDB_ins_code_3 
_pdbx_validate_rmsd_angle.label_alt_id_3 
_pdbx_validate_rmsd_angle.angle_value 
_pdbx_validate_rmsd_angle.angle_target_value 
_pdbx_validate_rmsd_angle.angle_deviation 
_pdbx_validate_rmsd_angle.angle_standard_deviation 
_pdbx_validate_rmsd_angle.linker_flag 
1  1 "O5'" A DC 1  ? ? "C5'" A DC 1  ? ? "C4'" A DC 1  ? ? 104.13 109.40 -5.27  0.80 N 
2  1 C6    A DC 1  ? ? N1    A DC 1  ? ? C2    A DC 1  ? ? 122.83 120.30 2.53   0.40 N 
3  1 N1    A DC 1  ? ? C2    A DC 1  ? ? O2    A DC 1  ? ? 122.78 118.90 3.88   0.60 N 
4  1 "O5'" A DG 2  ? ? P     A DG 2  ? ? OP2   A DG 2  ? ? 119.67 110.70 8.97   1.20 N 
5  1 "O5'" A DG 2  ? ? "C5'" A DG 2  ? ? "C4'" A DG 2  ? ? 103.72 109.40 -5.68  0.80 N 
6  1 C6    A DG 2  ? ? N1    A DG 2  ? ? C2    A DG 2  ? ? 119.52 125.10 -5.58  0.60 N 
7  1 N1    A DG 2  ? ? C2    A DG 2  ? ? N3    A DG 2  ? ? 129.47 123.90 5.57   0.60 N 
8  1 C2    A DG 2  ? ? N3    A DG 2  ? ? C4    A DG 2  ? ? 108.48 111.90 -3.42  0.50 N 
9  1 C5    A DG 2  ? ? C6    A DG 2  ? ? N1    A DG 2  ? ? 115.24 111.50 3.74   0.50 N 
10 1 C4    A DG 2  ? ? C5    A DG 2  ? ? N7    A DG 2  ? ? 113.41 110.80 2.61   0.40 N 
11 1 N3    A DG 2  ? ? C2    A DG 2  ? ? N2    A DG 2  ? ? 115.58 119.90 -4.32  0.70 N 
12 1 C5    A DG 2  ? ? C6    A DG 2  ? ? O6    A DG 2  ? ? 124.75 128.60 -3.85  0.60 N 
13 1 "C3'" A DG 2  ? ? "O3'" A DG 2  ? ? P     A DC 3  ? ? 112.28 119.70 -7.42  1.20 Y 
14 1 "O4'" A DC 3  ? ? "C1'" A DC 3  ? ? N1    A DC 3  ? ? 102.94 108.00 -5.06  0.70 N 
15 1 N1    A DC 3  ? ? C2    A DC 3  ? ? O2    A DC 3  ? ? 124.84 118.90 5.94   0.60 N 
16 1 N3    A DC 3  ? ? C2    A DC 3  ? ? O2    A DC 3  ? ? 116.70 121.90 -5.20  0.70 N 
17 1 OP1   A DG 4  ? ? P     A DG 4  ? ? OP2   A DG 4  ? ? 133.72 119.60 14.12  1.50 N 
18 1 "O5'" A DG 4  ? ? P     A DG 4  ? ? OP1   A DG 4  ? ? 95.61  105.70 -10.09 0.90 N 
19 1 C6    A DG 4  ? ? N1    A DG 4  ? ? C2    A DG 4  ? ? 117.84 125.10 -7.26  0.60 N 
20 1 N1    A DG 4  ? ? C2    A DG 4  ? ? N3    A DG 4  ? ? 131.50 123.90 7.60   0.60 N 
21 1 C2    A DG 4  ? ? N3    A DG 4  ? ? C4    A DG 4  ? ? 105.40 111.90 -6.50  0.50 N 
22 1 C5    A DG 4  ? ? C6    A DG 4  ? ? N1    A DG 4  ? ? 117.63 111.50 6.13   0.50 N 
23 1 N1    A DC 5  ? ? C2    A DC 5  ? ? O2    A DC 5  ? ? 126.31 118.90 7.41   0.60 N 
24 1 N3    A DC 5  ? ? C2    A DC 5  ? ? O2    A DC 5  ? ? 113.65 121.90 -8.25  0.70 N 
25 1 "C3'" A DC 5  ? ? "O3'" A DC 5  ? ? P     A DG 6  ? ? 111.88 119.70 -7.82  1.20 Y 
26 1 "O5'" A DG 6  ? ? "C5'" A DG 6  ? ? "C4'" A DG 6  ? ? 102.99 109.40 -6.41  0.80 N 
27 1 "O4'" A DG 6  ? ? "C4'" A DG 6  ? ? "C3'" A DG 6  ? ? 101.35 104.50 -3.15  0.40 N 
28 1 "C1'" A DG 6  ? ? "O4'" A DG 6  ? ? "C4'" A DG 6  ? ? 116.69 110.30 6.39   0.70 N 
29 1 "C4'" A DG 6  ? ? "C3'" A DG 6  ? ? "C2'" A DG 6  ? ? 109.78 103.10 6.68   0.90 N 
30 1 "C3'" A DG 6  ? ? "C2'" A DG 6  ? ? "C1'" A DG 6  ? ? 96.43  102.40 -5.97  0.80 N 
31 1 "O4'" A DG 6  ? ? "C1'" A DG 6  ? ? N9    A DG 6  ? ? 113.66 108.30 5.36   0.30 N 
32 1 C4    A DG 6  ? ? C5    A DG 6  ? ? N7    A DG 6  ? ? 113.45 110.80 2.65   0.40 N 
33 1 C8    A DG 6  ? ? N9    A DG 6  ? ? C4    A DG 6  ? ? 110.37 106.40 3.97   0.40 N 
34 1 N9    A DG 6  ? ? C4    A DG 6  ? ? C5    A DG 6  ? ? 100.81 105.40 -4.59  0.40 N 
35 1 N3    A DG 6  ? ? C4    A DG 6  ? ? N9    A DG 6  ? ? 130.81 126.00 4.81   0.60 N 
36 1 N3    A DG 6  ? ? C2    A DG 6  ? ? N2    A DG 6  ? ? 113.15 119.90 -6.75  0.70 N 
37 1 "O5'" B DC 7  ? ? "C5'" B DC 7  ? ? "C4'" B DC 7  ? ? 103.32 109.40 -6.08  0.80 N 
38 1 "C5'" B DC 7  ? ? "C4'" B DC 7  ? ? "O4'" B DC 7  ? ? 117.44 109.80 7.64   1.10 N 
39 1 "O4'" B DC 7  ? ? "C1'" B DC 7  ? ? N1    B DC 7  ? ? 110.81 108.30 2.51   0.30 N 
40 1 N3    B DC 7  ? ? C2    B DC 7  ? ? O2    B DC 7  ? ? 115.33 121.90 -6.57  0.70 N 
41 1 "O4'" B DG 8  ? ? "C4'" B DG 8  ? ? "C3'" B DG 8  ? ? 100.22 104.50 -4.28  0.40 N 
42 1 "C1'" B DG 8  ? ? "O4'" B DG 8  ? ? "C4'" B DG 8  ? ? 121.94 110.30 11.64  0.70 N 
43 1 "O4'" B DG 8  ? ? "C1'" B DG 8  ? ? "C2'" B DG 8  ? ? 98.74  105.90 -7.16  0.80 N 
44 1 "O4'" B DG 8  ? ? "C1'" B DG 8  ? ? N9    B DG 8  ? ? 111.54 108.30 3.24   0.30 N 
45 1 C6    B DG 8  ? ? N1    B DG 8  ? ? C2    B DG 8  ? ? 120.52 125.10 -4.58  0.60 N 
46 1 N1    B DG 8  ? ? C2    B DG 8  ? ? N3    B DG 8  ? ? 128.42 123.90 4.52   0.60 N 
47 1 N3    B DG 8  ? ? C4    B DG 8  ? ? C5    B DG 8  ? ? 123.82 128.60 -4.78  0.50 N 
48 1 N3    B DG 8  ? ? C2    B DG 8  ? ? N2    B DG 8  ? ? 113.23 119.90 -6.67  0.70 N 
49 1 C5    B DG 8  ? ? C6    B DG 8  ? ? O6    B DG 8  ? ? 123.37 128.60 -5.23  0.60 N 
50 1 C6    B DC 9  ? ? N1    B DC 9  ? ? C2    B DC 9  ? ? 117.19 120.30 -3.11  0.40 N 
51 1 N1    B DC 9  ? ? C2    B DC 9  ? ? N3    B DC 9  ? ? 123.82 119.20 4.62   0.70 N 
52 1 C4    B DC 9  ? ? C5    B DC 9  ? ? C6    B DC 9  ? ? 120.83 117.40 3.43   0.50 N 
53 1 N3    B DC 9  ? ? C2    B DC 9  ? ? O2    B DC 9  ? ? 115.74 121.90 -6.16  0.70 N 
54 1 "C1'" B DG 10 ? ? "O4'" B DG 10 ? ? "C4'" B DG 10 ? ? 116.06 110.30 5.76   0.70 N 
55 1 "O4'" B DG 10 ? ? "C1'" B DG 10 ? ? N9    B DG 10 ? ? 110.74 108.30 2.44   0.30 N 
56 1 C6    B DG 10 ? ? N1    B DG 10 ? ? C2    B DG 10 ? ? 120.79 125.10 -4.31  0.60 N 
57 1 N1    B DG 10 ? ? C2    B DG 10 ? ? N3    B DG 10 ? ? 130.37 123.90 6.47   0.60 N 
58 1 C2    B DG 10 ? ? N3    B DG 10 ? ? C4    B DG 10 ? ? 106.08 111.90 -5.82  0.50 N 
59 1 C5    B DG 10 ? ? C6    B DG 10 ? ? N1    B DG 10 ? ? 115.83 111.50 4.33   0.50 N 
60 1 C4    B DG 10 ? ? C5    B DG 10 ? ? N7    B DG 10 ? ? 114.44 110.80 3.64   0.40 N 
61 1 N9    B DG 10 ? ? C4    B DG 10 ? ? C5    B DG 10 ? ? 102.93 105.40 -2.47  0.40 N 
62 1 N3    B DG 10 ? ? C2    B DG 10 ? ? N2    B DG 10 ? ? 109.21 119.90 -10.69 0.70 N 
63 1 C5    B DG 10 ? ? C6    B DG 10 ? ? O6    B DG 10 ? ? 123.39 128.60 -5.21  0.60 N 
64 1 "O4'" B DC 11 ? ? "C4'" B DC 11 ? ? "C3'" B DC 11 ? ? 99.62  104.50 -4.88  0.40 N 
65 1 "C1'" B DC 11 ? ? "O4'" B DC 11 ? ? "C4'" B DC 11 ? ? 119.98 110.30 9.68   0.70 N 
66 1 "O4'" B DC 11 ? ? "C1'" B DC 11 ? ? "C2'" B DC 11 ? ? 95.68  105.90 -10.22 0.80 N 
67 1 "O4'" B DC 11 ? ? "C1'" B DC 11 ? ? N1    B DC 11 ? ? 110.20 108.30 1.90   0.30 N 
68 1 C6    B DC 11 ? ? N1    B DC 11 ? ? C2    B DC 11 ? ? 117.78 120.30 -2.52  0.40 N 
69 1 C4    B DC 11 ? ? C5    B DC 11 ? ? C6    B DC 11 ? ? 113.10 117.40 -4.30  0.50 N 
70 1 C5    B DC 11 ? ? C6    B DC 11 ? ? N1    B DC 11 ? ? 126.68 121.00 5.68   0.50 N 
71 1 "O5'" B DG 12 ? ? P     B DG 12 ? ? OP2   B DG 12 ? ? 118.06 110.70 7.36   1.20 N 
72 1 "O5'" B DG 12 ? ? "C5'" B DG 12 ? ? "C4'" B DG 12 ? ? 102.46 109.40 -6.94  0.80 N 
73 1 "C3'" B DG 12 ? ? "C2'" B DG 12 ? ? "C1'" B DG 12 ? ? 97.12  102.40 -5.28  0.80 N 
74 1 C6    B DG 12 ? ? N1    B DG 12 ? ? C2    B DG 12 ? ? 119.21 125.10 -5.89  0.60 N 
75 1 N1    B DG 12 ? ? C2    B DG 12 ? ? N3    B DG 12 ? ? 128.03 123.90 4.13   0.60 N 
76 1 C4    B DG 12 ? ? C5    B DG 12 ? ? C6    B DG 12 ? ? 114.73 118.80 -4.07  0.60 N 
77 1 C5    B DG 12 ? ? C6    B DG 12 ? ? N1    B DG 12 ? ? 117.10 111.50 5.60   0.50 N 
78 1 C4    B DG 12 ? ? C5    B DG 12 ? ? N7    B DG 12 ? ? 115.37 110.80 4.57   0.40 N 
79 1 N7    B DG 12 ? ? C8    B DG 12 ? ? N9    B DG 12 ? ? 108.52 113.10 -4.58  0.50 N 
80 1 C8    B DG 12 ? ? N9    B DG 12 ? ? C4    B DG 12 ? ? 112.52 106.40 6.12   0.40 N 
81 1 N9    B DG 12 ? ? C4    B DG 12 ? ? C5    B DG 12 ? ? 99.40  105.40 -6.00  0.40 N 
82 1 C5    B DG 12 ? ? C6    B DG 12 ? ? O6    B DG 12 ? ? 122.79 128.60 -5.81  0.60 N 
# 
loop_
_chem_comp_atom.comp_id 
_chem_comp_atom.atom_id 
_chem_comp_atom.type_symbol 
_chem_comp_atom.pdbx_aromatic_flag 
_chem_comp_atom.pdbx_stereo_config 
_chem_comp_atom.pdbx_ordinal 
DC  OP3    O  N N 1   
DC  P      P  N N 2   
DC  OP1    O  N N 3   
DC  OP2    O  N N 4   
DC  "O5'"  O  N N 5   
DC  "C5'"  C  N N 6   
DC  "C4'"  C  N R 7   
DC  "O4'"  O  N N 8   
DC  "C3'"  C  N S 9   
DC  "O3'"  O  N N 10  
DC  "C2'"  C  N N 11  
DC  "C1'"  C  N R 12  
DC  N1     N  N N 13  
DC  C2     C  N N 14  
DC  O2     O  N N 15  
DC  N3     N  N N 16  
DC  C4     C  N N 17  
DC  N4     N  N N 18  
DC  C5     C  N N 19  
DC  C6     C  N N 20  
DC  HOP3   H  N N 21  
DC  HOP2   H  N N 22  
DC  "H5'"  H  N N 23  
DC  "H5''" H  N N 24  
DC  "H4'"  H  N N 25  
DC  "H3'"  H  N N 26  
DC  "HO3'" H  N N 27  
DC  "H2'"  H  N N 28  
DC  "H2''" H  N N 29  
DC  "H1'"  H  N N 30  
DC  H41    H  N N 31  
DC  H42    H  N N 32  
DC  H5     H  N N 33  
DC  H6     H  N N 34  
DG  OP3    O  N N 35  
DG  P      P  N N 36  
DG  OP1    O  N N 37  
DG  OP2    O  N N 38  
DG  "O5'"  O  N N 39  
DG  "C5'"  C  N N 40  
DG  "C4'"  C  N R 41  
DG  "O4'"  O  N N 42  
DG  "C3'"  C  N S 43  
DG  "O3'"  O  N N 44  
DG  "C2'"  C  N N 45  
DG  "C1'"  C  N R 46  
DG  N9     N  Y N 47  
DG  C8     C  Y N 48  
DG  N7     N  Y N 49  
DG  C5     C  Y N 50  
DG  C6     C  N N 51  
DG  O6     O  N N 52  
DG  N1     N  N N 53  
DG  C2     C  N N 54  
DG  N2     N  N N 55  
DG  N3     N  N N 56  
DG  C4     C  Y N 57  
DG  HOP3   H  N N 58  
DG  HOP2   H  N N 59  
DG  "H5'"  H  N N 60  
DG  "H5''" H  N N 61  
DG  "H4'"  H  N N 62  
DG  "H3'"  H  N N 63  
DG  "HO3'" H  N N 64  
DG  "H2'"  H  N N 65  
DG  "H2''" H  N N 66  
DG  "H1'"  H  N N 67  
DG  H8     H  N N 68  
DG  H1     H  N N 69  
DG  H21    H  N N 70  
DG  H22    H  N N 71  
HOH O      O  N N 72  
HOH H1     H  N N 73  
HOH H2     H  N N 74  
MG  MG     MG N N 75  
TER N1     N  N N 76  
TER C2     C  N N 77  
TER C3     C  N N 78  
TER C4     C  N N 79  
TER N5     N  N N 80  
TER C6     C  N N 81  
TER C7     C  N N 82  
TER C8     C  N N 83  
TER N9     N  N N 84  
TER C10    C  N N 85  
TER C11    C  N N 86  
TER C12    C  N N 87  
TER C13    C  N N 88  
TER N14    N  N N 89  
TER HN11   H  N N 90  
TER HN12   H  N N 91  
TER H21    H  N N 92  
TER H22    H  N N 93  
TER H31    H  N N 94  
TER H32    H  N N 95  
TER H41    H  N N 96  
TER H42    H  N N 97  
TER HN5    H  N N 98  
TER H61    H  N N 99  
TER H62    H  N N 100 
TER H71    H  N N 101 
TER H72    H  N N 102 
TER H81    H  N N 103 
TER H82    H  N N 104 
TER HN9    H  N N 105 
TER H101   H  N N 106 
TER H102   H  N N 107 
TER H111   H  N N 108 
TER H112   H  N N 109 
TER H121   H  N N 110 
TER H122   H  N N 111 
TER H131   H  N N 112 
TER H132   H  N N 113 
TER HN41   H  N N 114 
TER HN42   H  N N 115 
# 
loop_
_chem_comp_bond.comp_id 
_chem_comp_bond.atom_id_1 
_chem_comp_bond.atom_id_2 
_chem_comp_bond.value_order 
_chem_comp_bond.pdbx_aromatic_flag 
_chem_comp_bond.pdbx_stereo_config 
_chem_comp_bond.pdbx_ordinal 
DC  OP3   P      sing N N 1   
DC  OP3   HOP3   sing N N 2   
DC  P     OP1    doub N N 3   
DC  P     OP2    sing N N 4   
DC  P     "O5'"  sing N N 5   
DC  OP2   HOP2   sing N N 6   
DC  "O5'" "C5'"  sing N N 7   
DC  "C5'" "C4'"  sing N N 8   
DC  "C5'" "H5'"  sing N N 9   
DC  "C5'" "H5''" sing N N 10  
DC  "C4'" "O4'"  sing N N 11  
DC  "C4'" "C3'"  sing N N 12  
DC  "C4'" "H4'"  sing N N 13  
DC  "O4'" "C1'"  sing N N 14  
DC  "C3'" "O3'"  sing N N 15  
DC  "C3'" "C2'"  sing N N 16  
DC  "C3'" "H3'"  sing N N 17  
DC  "O3'" "HO3'" sing N N 18  
DC  "C2'" "C1'"  sing N N 19  
DC  "C2'" "H2'"  sing N N 20  
DC  "C2'" "H2''" sing N N 21  
DC  "C1'" N1     sing N N 22  
DC  "C1'" "H1'"  sing N N 23  
DC  N1    C2     sing N N 24  
DC  N1    C6     sing N N 25  
DC  C2    O2     doub N N 26  
DC  C2    N3     sing N N 27  
DC  N3    C4     doub N N 28  
DC  C4    N4     sing N N 29  
DC  C4    C5     sing N N 30  
DC  N4    H41    sing N N 31  
DC  N4    H42    sing N N 32  
DC  C5    C6     doub N N 33  
DC  C5    H5     sing N N 34  
DC  C6    H6     sing N N 35  
DG  OP3   P      sing N N 36  
DG  OP3   HOP3   sing N N 37  
DG  P     OP1    doub N N 38  
DG  P     OP2    sing N N 39  
DG  P     "O5'"  sing N N 40  
DG  OP2   HOP2   sing N N 41  
DG  "O5'" "C5'"  sing N N 42  
DG  "C5'" "C4'"  sing N N 43  
DG  "C5'" "H5'"  sing N N 44  
DG  "C5'" "H5''" sing N N 45  
DG  "C4'" "O4'"  sing N N 46  
DG  "C4'" "C3'"  sing N N 47  
DG  "C4'" "H4'"  sing N N 48  
DG  "O4'" "C1'"  sing N N 49  
DG  "C3'" "O3'"  sing N N 50  
DG  "C3'" "C2'"  sing N N 51  
DG  "C3'" "H3'"  sing N N 52  
DG  "O3'" "HO3'" sing N N 53  
DG  "C2'" "C1'"  sing N N 54  
DG  "C2'" "H2'"  sing N N 55  
DG  "C2'" "H2''" sing N N 56  
DG  "C1'" N9     sing N N 57  
DG  "C1'" "H1'"  sing N N 58  
DG  N9    C8     sing Y N 59  
DG  N9    C4     sing Y N 60  
DG  C8    N7     doub Y N 61  
DG  C8    H8     sing N N 62  
DG  N7    C5     sing Y N 63  
DG  C5    C6     sing N N 64  
DG  C5    C4     doub Y N 65  
DG  C6    O6     doub N N 66  
DG  C6    N1     sing N N 67  
DG  N1    C2     sing N N 68  
DG  N1    H1     sing N N 69  
DG  C2    N2     sing N N 70  
DG  C2    N3     doub N N 71  
DG  N2    H21    sing N N 72  
DG  N2    H22    sing N N 73  
DG  N3    C4     sing N N 74  
HOH O     H1     sing N N 75  
HOH O     H2     sing N N 76  
TER N1    C2     sing N N 77  
TER N1    HN11   sing N N 78  
TER N1    HN12   sing N N 79  
TER C2    C3     sing N N 80  
TER C2    H21    sing N N 81  
TER C2    H22    sing N N 82  
TER C3    C4     sing N N 83  
TER C3    H31    sing N N 84  
TER C3    H32    sing N N 85  
TER C4    N5     sing N N 86  
TER C4    H41    sing N N 87  
TER C4    H42    sing N N 88  
TER N5    C6     sing N N 89  
TER N5    HN5    sing N N 90  
TER C6    C7     sing N N 91  
TER C6    H61    sing N N 92  
TER C6    H62    sing N N 93  
TER C7    C8     sing N N 94  
TER C7    H71    sing N N 95  
TER C7    H72    sing N N 96  
TER C8    N9     sing N N 97  
TER C8    H81    sing N N 98  
TER C8    H82    sing N N 99  
TER N9    C10    sing N N 100 
TER N9    HN9    sing N N 101 
TER C10   C11    sing N N 102 
TER C10   H101   sing N N 103 
TER C10   H102   sing N N 104 
TER C11   C12    sing N N 105 
TER C11   H111   sing N N 106 
TER C11   H112   sing N N 107 
TER C12   C13    sing N N 108 
TER C12   H121   sing N N 109 
TER C12   H122   sing N N 110 
TER C13   N14    sing N N 111 
TER C13   H131   sing N N 112 
TER C13   H132   sing N N 113 
TER N14   HN41   sing N N 114 
TER N14   HN42   sing N N 115 
# 
_ndb_struct_conf_na.entry_id   336D 
_ndb_struct_conf_na.feature    'z-form double helix' 
# 
loop_
_ndb_struct_na_base_pair.model_number 
_ndb_struct_na_base_pair.i_label_asym_id 
_ndb_struct_na_base_pair.i_label_comp_id 
_ndb_struct_na_base_pair.i_label_seq_id 
_ndb_struct_na_base_pair.i_symmetry 
_ndb_struct_na_base_pair.j_label_asym_id 
_ndb_struct_na_base_pair.j_label_comp_id 
_ndb_struct_na_base_pair.j_label_seq_id 
_ndb_struct_na_base_pair.j_symmetry 
_ndb_struct_na_base_pair.shear 
_ndb_struct_na_base_pair.stretch 
_ndb_struct_na_base_pair.stagger 
_ndb_struct_na_base_pair.buckle 
_ndb_struct_na_base_pair.propeller 
_ndb_struct_na_base_pair.opening 
_ndb_struct_na_base_pair.pair_number 
_ndb_struct_na_base_pair.pair_name 
_ndb_struct_na_base_pair.i_auth_asym_id 
_ndb_struct_na_base_pair.i_auth_seq_id 
_ndb_struct_na_base_pair.i_PDB_ins_code 
_ndb_struct_na_base_pair.j_auth_asym_id 
_ndb_struct_na_base_pair.j_auth_seq_id 
_ndb_struct_na_base_pair.j_PDB_ins_code 
_ndb_struct_na_base_pair.hbond_type_28 
_ndb_struct_na_base_pair.hbond_type_12 
1 A DC 1 1_555 B DG 6 1_555 -0.257 -0.179 0.150  2.822  0.628  2.359 1 A_DC1:DG12_B A 1 ? B 12 ? 19 1 
1 A DG 2 1_555 B DC 5 1_555 0.264  -0.127 -0.008 -6.838 -2.864 2.401 2 A_DG2:DC11_B A 2 ? B 11 ? 19 1 
1 A DC 3 1_555 B DG 4 1_555 -0.337 -0.147 0.042  4.680  -2.992 1.889 3 A_DC3:DG10_B A 3 ? B 10 ? 19 1 
1 A DG 4 1_555 B DC 3 1_555 0.233  -0.046 0.032  -7.619 -1.299 1.220 4 A_DG4:DC9_B  A 4 ? B 9  ? 19 1 
1 A DC 5 1_555 B DG 2 1_555 -0.187 -0.123 0.065  1.907  -0.594 1.798 5 A_DC5:DG8_B  A 5 ? B 8  ? 19 1 
1 A DG 6 1_555 B DC 1 1_555 0.222  -0.105 0.249  1.126  8.486  3.540 6 A_DG6:DC7_B  A 6 ? B 7  ? 19 1 
# 
loop_
_ndb_struct_na_base_pair_step.model_number 
_ndb_struct_na_base_pair_step.i_label_asym_id_1 
_ndb_struct_na_base_pair_step.i_label_comp_id_1 
_ndb_struct_na_base_pair_step.i_label_seq_id_1 
_ndb_struct_na_base_pair_step.i_symmetry_1 
_ndb_struct_na_base_pair_step.j_label_asym_id_1 
_ndb_struct_na_base_pair_step.j_label_comp_id_1 
_ndb_struct_na_base_pair_step.j_label_seq_id_1 
_ndb_struct_na_base_pair_step.j_symmetry_1 
_ndb_struct_na_base_pair_step.i_label_asym_id_2 
_ndb_struct_na_base_pair_step.i_label_comp_id_2 
_ndb_struct_na_base_pair_step.i_label_seq_id_2 
_ndb_struct_na_base_pair_step.i_symmetry_2 
_ndb_struct_na_base_pair_step.j_label_asym_id_2 
_ndb_struct_na_base_pair_step.j_label_comp_id_2 
_ndb_struct_na_base_pair_step.j_label_seq_id_2 
_ndb_struct_na_base_pair_step.j_symmetry_2 
_ndb_struct_na_base_pair_step.shift 
_ndb_struct_na_base_pair_step.slide 
_ndb_struct_na_base_pair_step.rise 
_ndb_struct_na_base_pair_step.tilt 
_ndb_struct_na_base_pair_step.roll 
_ndb_struct_na_base_pair_step.twist 
_ndb_struct_na_base_pair_step.x_displacement 
_ndb_struct_na_base_pair_step.y_displacement 
_ndb_struct_na_base_pair_step.helical_rise 
_ndb_struct_na_base_pair_step.inclination 
_ndb_struct_na_base_pair_step.tip 
_ndb_struct_na_base_pair_step.helical_twist 
_ndb_struct_na_base_pair_step.step_number 
_ndb_struct_na_base_pair_step.step_name 
_ndb_struct_na_base_pair_step.i_auth_asym_id_1 
_ndb_struct_na_base_pair_step.i_auth_seq_id_1 
_ndb_struct_na_base_pair_step.i_PDB_ins_code_1 
_ndb_struct_na_base_pair_step.j_auth_asym_id_1 
_ndb_struct_na_base_pair_step.j_auth_seq_id_1 
_ndb_struct_na_base_pair_step.j_PDB_ins_code_1 
_ndb_struct_na_base_pair_step.i_auth_asym_id_2 
_ndb_struct_na_base_pair_step.i_auth_seq_id_2 
_ndb_struct_na_base_pair_step.i_PDB_ins_code_2 
_ndb_struct_na_base_pair_step.j_auth_asym_id_2 
_ndb_struct_na_base_pair_step.j_auth_seq_id_2 
_ndb_struct_na_base_pair_step.j_PDB_ins_code_2 
1 A DC 1 1_555 B DG 6 1_555 A DG 2 1_555 B DC 5 1_555 -0.012 5.289  3.702 0.243  -3.741 -6.792  -21.075 1.078  5.790 28.860 1.871  
-7.757  1 AA_DC1DG2:DC11DG12_BB A 1 ? B 12 ? A 2 ? B 11 ? 
1 A DG 2 1_555 B DC 5 1_555 A DC 3 1_555 B DG 4 1_555 -0.127 -1.031 3.296 0.116  -4.343 -51.183 1.486   -0.138 3.204 5.017  0.134  
-51.355 2 AA_DG2DC3:DG10DC11_BB A 2 ? B 11 ? A 3 ? B 10 ? 
1 A DC 3 1_555 B DG 4 1_555 A DG 4 1_555 B DC 3 1_555 -0.022 5.475  3.754 0.560  -3.121 -7.010  -25.957 2.496  5.642 23.977 4.301  
-7.693  3 AA_DC3DG4:DC9DG10_BB  A 3 ? B 10 ? A 4 ? B 9  ? 
1 A DG 4 1_555 B DC 3 1_555 A DC 5 1_555 B DG 2 1_555 -0.049 -0.818 3.243 0.113  -3.411 -51.116 1.178   -0.048 3.186 3.948  0.131  
-51.223 4 AA_DG4DC5:DG8DC9_BB   A 4 ? B 9  ? A 5 ? B 8  ? 
1 A DC 5 1_555 B DG 2 1_555 A DG 6 1_555 B DC 1 1_555 0.214  5.251  3.557 -0.354 -2.451 -10.355 -23.139 0.409  4.673 13.333 -1.924 
-10.646 5 AA_DC5DG6:DC7DG8_BB   A 5 ? B 8  ? A 6 ? B 7  ? 
# 
_atom_sites.entry_id                    336D 
_atom_sites.fract_transf_matrix[1][1]   0.03503493 
_atom_sites.fract_transf_matrix[1][2]   -0.01809425 
_atom_sites.fract_transf_matrix[1][3]   -0.03922248 
_atom_sites.fract_transf_matrix[2][1]   0.02159568 
_atom_sites.fract_transf_matrix[2][2]   0.02122734 
_atom_sites.fract_transf_matrix[2][3]   0.00949737 
_atom_sites.fract_transf_matrix[3][1]   0.00843511 
_atom_sites.fract_transf_matrix[3][2]   -0.01506117 
_atom_sites.fract_transf_matrix[3][3]   0.01448261 
_atom_sites.fract_transf_vector[1]      0.692315 
_atom_sites.fract_transf_vector[2]      0.534164 
_atom_sites.fract_transf_vector[3]      0.124824 
# 
loop_
_atom_type.symbol 
C  
MG 
N  
O  
P  
# 
loop_
_atom_site.group_PDB 
_atom_site.id 
_atom_site.type_symbol 
_atom_site.label_atom_id 
_atom_site.label_alt_id 
_atom_site.label_comp_id 
_atom_site.label_asym_id 
_atom_site.label_entity_id 
_atom_site.label_seq_id 
_atom_site.pdbx_PDB_ins_code 
_atom_site.Cartn_x 
_atom_site.Cartn_y 
_atom_site.Cartn_z 
_atom_site.occupancy 
_atom_site.B_iso_or_equiv 
_atom_site.pdbx_formal_charge 
_atom_site.auth_seq_id 
_atom_site.auth_comp_id 
_atom_site.auth_asym_id 
_atom_site.auth_atom_id 
_atom_site.pdbx_PDB_model_num 
ATOM   1   O  "O5'" . DC  A 1 1 ? -8.958  6.019   -3.641  1.00 9.79  ? 1  DC  A "O5'" 1 
ATOM   2   C  "C5'" . DC  A 1 1 ? -8.198  6.027   -2.381  1.00 4.43  ? 1  DC  A "C5'" 1 
ATOM   3   C  "C4'" . DC  A 1 1 ? -6.775  6.213   -2.812  1.00 3.22  ? 1  DC  A "C4'" 1 
ATOM   4   O  "O4'" . DC  A 1 1 ? -6.223  5.032   -3.519  1.00 6.61  ? 1  DC  A "O4'" 1 
ATOM   5   C  "C3'" . DC  A 1 1 ? -6.481  7.429   -3.778  1.00 9.11  ? 1  DC  A "C3'" 1 
ATOM   6   O  "O3'" . DC  A 1 1 ? -5.187  8.018   -3.468  1.00 6.04  ? 1  DC  A "O3'" 1 
ATOM   7   C  "C2'" . DC  A 1 1 ? -6.328  6.816   -5.198  1.00 7.07  ? 1  DC  A "C2'" 1 
ATOM   8   C  "C1'" . DC  A 1 1 ? -5.645  5.418   -4.776  1.00 7.29  ? 1  DC  A "C1'" 1 
ATOM   9   N  N1    . DC  A 1 1 ? -6.005  4.311   -5.836  1.00 7.28  ? 1  DC  A N1    1 
ATOM   10  C  C2    . DC  A 1 1 ? -5.131  4.111   -6.859  1.00 8.71  ? 1  DC  A C2    1 
ATOM   11  O  O2    . DC  A 1 1 ? -4.087  4.756   -6.981  1.00 8.90  ? 1  DC  A O2    1 
ATOM   12  N  N3    . DC  A 1 1 ? -5.404  3.144   -7.779  1.00 5.78  ? 1  DC  A N3    1 
ATOM   13  C  C4    . DC  A 1 1 ? -6.516  2.439   -7.654  1.00 3.91  ? 1  DC  A C4    1 
ATOM   14  N  N4    . DC  A 1 1 ? -6.750  1.491   -8.616  1.00 7.35  ? 1  DC  A N4    1 
ATOM   15  C  C5    . DC  A 1 1 ? -7.469  2.647   -6.597  1.00 8.11  ? 1  DC  A C5    1 
ATOM   16  C  C6    . DC  A 1 1 ? -7.198  3.609   -5.716  1.00 7.64  ? 1  DC  A C6    1 
ATOM   17  P  P     . DG  A 1 2 ? -5.042  9.194   -2.458  1.00 6.88  ? 2  DG  A P     1 
ATOM   18  O  OP1   . DG  A 1 2 ? -6.190  10.152  -2.561  1.00 7.93  ? 2  DG  A OP1   1 
ATOM   19  O  OP2   . DG  A 1 2 ? -3.787  9.766   -2.781  1.00 10.94 ? 2  DG  A OP2   1 
ATOM   20  O  "O5'" . DG  A 1 2 ? -5.244  8.507   -1.069  1.00 6.27  ? 2  DG  A "O5'" 1 
ATOM   21  C  "C5'" . DG  A 1 2 ? -4.211  7.600   -0.626  1.00 5.89  ? 2  DG  A "C5'" 1 
ATOM   22  C  "C4'" . DG  A 1 2 ? -4.775  7.029   0.746   1.00 10.97 ? 2  DG  A "C4'" 1 
ATOM   23  O  "O4'" . DG  A 1 2 ? -5.980  6.466   0.467   1.00 6.49  ? 2  DG  A "O4'" 1 
ATOM   24  C  "C3'" . DG  A 1 2 ? -3.805  5.922   1.212   1.00 4.02  ? 2  DG  A "C3'" 1 
ATOM   25  O  "O3'" . DG  A 1 2 ? -2.999  6.524   2.209   1.00 8.90  ? 2  DG  A "O3'" 1 
ATOM   26  C  "C2'" . DG  A 1 2 ? -4.769  5.088   1.950   1.00 6.28  ? 2  DG  A "C2'" 1 
ATOM   27  C  "C1'" . DG  A 1 2 ? -6.152  5.317   1.251   1.00 6.61  ? 2  DG  A "C1'" 1 
ATOM   28  N  N9    . DG  A 1 2 ? -6.598  4.233   0.405   1.00 8.04  ? 2  DG  A N9    1 
ATOM   29  C  C8    . DG  A 1 2 ? -7.882  3.656   0.377   1.00 7.39  ? 2  DG  A C8    1 
ATOM   30  N  N7    . DG  A 1 2 ? -7.984  2.728   -0.524  1.00 9.36  ? 2  DG  A N7    1 
ATOM   31  C  C5    . DG  A 1 2 ? -6.773  2.763   -1.188  1.00 8.20  ? 2  DG  A C5    1 
ATOM   32  C  C6    . DG  A 1 2 ? -6.321  2.004   -2.311  1.00 13.45 ? 2  DG  A C6    1 
ATOM   33  O  O6    . DG  A 1 2 ? -7.026  1.156   -2.944  1.00 10.80 ? 2  DG  A O6    1 
ATOM   34  N  N1    . DG  A 1 2 ? -5.099  2.341   -2.780  1.00 7.11  ? 2  DG  A N1    1 
ATOM   35  C  C2    . DG  A 1 2 ? -4.394  3.279   -2.157  1.00 7.98  ? 2  DG  A C2    1 
ATOM   36  N  N2    . DG  A 1 2 ? -3.205  3.516   -2.676  1.00 7.83  ? 2  DG  A N2    1 
ATOM   37  N  N3    . DG  A 1 2 ? -4.683  3.957   -1.051  1.00 7.79  ? 2  DG  A N3    1 
ATOM   38  C  C4    . DG  A 1 2 ? -5.911  3.637   -0.671  1.00 6.80  ? 2  DG  A C4    1 
ATOM   39  P  P     . DC  A 1 3 ? -1.411  6.456   1.845   1.00 11.95 ? 3  DC  A P     1 
ATOM   40  O  OP1   . DC  A 1 3 ? -0.891  7.261   2.897   1.00 26.99 ? 3  DC  A OP1   1 
ATOM   41  O  OP2   . DC  A 1 3 ? -1.212  6.599   0.416   1.00 14.86 ? 3  DC  A OP2   1 
ATOM   42  O  "O5'" . DC  A 1 3 ? -1.112  4.925   2.314   1.00 12.00 ? 3  DC  A "O5'" 1 
ATOM   43  C  "C5'" . DC  A 1 3 ? 0.079   4.408   2.892   1.00 6.16  ? 3  DC  A "C5'" 1 
ATOM   44  C  "C4'" . DC  A 1 3 ? 0.749   3.524   1.820   1.00 5.32  ? 3  DC  A "C4'" 1 
ATOM   45  O  "O4'" . DC  A 1 3 ? -0.140  2.374   1.751   1.00 5.88  ? 3  DC  A "O4'" 1 
ATOM   46  C  "C3'" . DC  A 1 3 ? 0.959   4.081   0.327   1.00 11.08 ? 3  DC  A "C3'" 1 
ATOM   47  O  "O3'" . DC  A 1 3 ? 2.116   3.428   -0.219  1.00 8.52  ? 3  DC  A "O3'" 1 
ATOM   48  C  "C2'" . DC  A 1 3 ? -0.145  3.374   -0.422  1.00 6.54  ? 3  DC  A "C2'" 1 
ATOM   49  C  "C1'" . DC  A 1 3 ? -0.308  2.013   0.370   1.00 4.52  ? 3  DC  A "C1'" 1 
ATOM   50  N  N1    . DC  A 1 3 ? -1.765  1.423   0.335   1.00 7.29  ? 3  DC  A N1    1 
ATOM   51  C  C2    . DC  A 1 3 ? -2.025  0.551   -0.689  1.00 6.32  ? 3  DC  A C2    1 
ATOM   52  O  O2    . DC  A 1 3 ? -1.227  0.249   -1.574  1.00 7.34  ? 3  DC  A O2    1 
ATOM   53  N  N3    . DC  A 1 3 ? -3.259  0.026   -0.783  1.00 3.68  ? 3  DC  A N3    1 
ATOM   54  C  C4    . DC  A 1 3 ? -4.177  0.307   0.165   1.00 3.86  ? 3  DC  A C4    1 
ATOM   55  N  N4    . DC  A 1 3 ? -5.363  -0.277  -0.006  1.00 7.37  ? 3  DC  A N4    1 
ATOM   56  C  C5    . DC  A 1 3 ? -3.909  1.190   1.204   1.00 8.60  ? 3  DC  A C5    1 
ATOM   57  C  C6    . DC  A 1 3 ? -2.715  1.717   1.259   1.00 7.62  ? 3  DC  A C6    1 
ATOM   58  P  P     . DG  A 1 4 ? 3.495   4.104   -0.310  1.00 11.69 ? 4  DG  A P     1 
ATOM   59  O  OP1   . DG  A 1 4 ? 3.229   5.529   -0.351  1.00 9.10  ? 4  DG  A OP1   1 
ATOM   60  O  OP2   . DG  A 1 4 ? 4.303   3.232   -1.091  1.00 15.04 ? 4  DG  A OP2   1 
ATOM   61  O  "O5'" . DG  A 1 4 ? 3.995   4.077   1.286   1.00 10.10 ? 4  DG  A "O5'" 1 
ATOM   62  C  "C5'" . DG  A 1 4 ? 4.319   2.845   1.858   1.00 6.98  ? 4  DG  A "C5'" 1 
ATOM   63  C  "C4'" . DG  A 1 4 ? 4.657   3.172   3.340   1.00 7.60  ? 4  DG  A "C4'" 1 
ATOM   64  O  "O4'" . DG  A 1 4 ? 3.548   3.652   3.904   1.00 7.56  ? 4  DG  A "O4'" 1 
ATOM   65  C  "C3'" . DG  A 1 4 ? 5.143   1.979   4.150   1.00 4.44  ? 4  DG  A "C3'" 1 
ATOM   66  O  "O3'" . DG  A 1 4 ? 6.636   2.107   4.135   1.00 5.59  ? 4  DG  A "O3'" 1 
ATOM   67  C  "C2'" . DG  A 1 4 ? 4.620   2.167   5.444   1.00 7.50  ? 4  DG  A "C2'" 1 
ATOM   68  C  "C1'" . DG  A 1 4 ? 3.415   3.084   5.279   1.00 6.79  ? 4  DG  A "C1'" 1 
ATOM   69  N  N9    . DG  A 1 4 ? 2.118   2.493   5.344   1.00 5.51  ? 4  DG  A N9    1 
ATOM   70  C  C8    . DG  A 1 4 ? 1.188   2.931   6.197   1.00 6.24  ? 4  DG  A C8    1 
ATOM   71  N  N7    . DG  A 1 4 ? 0.082   2.295   6.047   1.00 9.91  ? 4  DG  A N7    1 
ATOM   72  C  C5    . DG  A 1 4 ? 0.289   1.426   4.989   1.00 4.11  ? 4  DG  A C5    1 
ATOM   73  C  C6    . DG  A 1 4 ? -0.526  0.446   4.368   1.00 5.70  ? 4  DG  A C6    1 
ATOM   74  O  O6    . DG  A 1 4 ? -1.771  0.246   4.625   1.00 8.62  ? 4  DG  A O6    1 
ATOM   75  N  N1    . DG  A 1 4 ? 0.008   -0.264  3.376   1.00 5.53  ? 4  DG  A N1    1 
ATOM   76  C  C2    . DG  A 1 4 ? 1.253   0.048   2.982   1.00 8.07  ? 4  DG  A C2    1 
ATOM   77  N  N2    . DG  A 1 4 ? 1.636   -0.672  1.996   1.00 9.36  ? 4  DG  A N2    1 
ATOM   78  N  N3    . DG  A 1 4 ? 2.171   0.891   3.500   1.00 5.48  ? 4  DG  A N3    1 
ATOM   79  C  C4    . DG  A 1 4 ? 1.519   1.544   4.565   1.00 3.68  ? 4  DG  A C4    1 
ATOM   80  P  P     . DC  A 1 5 ? 7.496   0.898   4.701   1.00 6.83  ? 5  DC  A P     1 
ATOM   81  O  OP1   . DC  A 1 5 ? 7.164   0.568   6.111   1.00 9.73  ? 5  DC  A OP1   1 
ATOM   82  O  OP2   . DC  A 1 5 ? 8.932   1.229   4.320   1.00 11.15 ? 5  DC  A OP2   1 
ATOM   83  O  "O5'" . DC  A 1 5 ? 7.100   -0.342  3.698   1.00 7.41  ? 5  DC  A "O5'" 1 
ATOM   84  C  "C5'" . DC  A 1 5 ? 7.890   -1.576  3.835   1.00 7.04  ? 5  DC  A "C5'" 1 
ATOM   85  C  "C4'" . DC  A 1 5 ? 7.229   -2.744  3.142   1.00 3.98  ? 5  DC  A "C4'" 1 
ATOM   86  O  "O4'" . DC  A 1 5 ? 6.136   -3.154  4.052   1.00 4.60  ? 5  DC  A "O4'" 1 
ATOM   87  C  "C3'" . DC  A 1 5 ? 6.610   -2.334  1.788   1.00 5.68  ? 5  DC  A "C3'" 1 
ATOM   88  O  "O3'" . DC  A 1 5 ? 6.649   -3.545  0.999   1.00 9.06  ? 5  DC  A "O3'" 1 
ATOM   89  C  "C2'" . DC  A 1 5 ? 5.144   -2.075  2.091   1.00 7.68  ? 5  DC  A "C2'" 1 
ATOM   90  C  "C1'" . DC  A 1 5 ? 4.937   -3.110  3.350   1.00 8.18  ? 5  DC  A "C1'" 1 
ATOM   91  N  N1    . DC  A 1 5 ? 3.826   -2.668  4.353   1.00 5.05  ? 5  DC  A N1    1 
ATOM   92  C  C2    . DC  A 1 5 ? 2.566   -3.261  4.206   1.00 6.42  ? 5  DC  A C2    1 
ATOM   93  O  O2    . DC  A 1 5 ? 2.248   -4.112  3.359   1.00 10.57 ? 5  DC  A O2    1 
ATOM   94  N  N3    . DC  A 1 5 ? 1.534   -2.856  4.983   1.00 3.63  ? 5  DC  A N3    1 
ATOM   95  C  C4    . DC  A 1 5 ? 1.807   -1.923  5.998   1.00 4.93  ? 5  DC  A C4    1 
ATOM   96  N  N4    . DC  A 1 5 ? 0.822   -1.569  6.787   1.00 5.40  ? 5  DC  A N4    1 
ATOM   97  C  C5    . DC  A 1 5 ? 3.064   -1.333  6.159   1.00 4.88  ? 5  DC  A C5    1 
ATOM   98  C  C6    . DC  A 1 5 ? 4.043   -1.717  5.363   1.00 6.44  ? 5  DC  A C6    1 
ATOM   99  P  P     . DG  A 1 6 ? 7.923   -3.572  -0.002  1.00 11.31 ? 6  DG  A P     1 
ATOM   100 O  OP1   . DG  A 1 6 ? 8.231   -2.197  -0.562  1.00 12.93 ? 6  DG  A OP1   1 
ATOM   101 O  OP2   . DG  A 1 6 ? 7.544   -4.679  -0.705  1.00 17.99 ? 6  DG  A OP2   1 
ATOM   102 O  "O5'" . DG  A 1 6 ? 9.188   -3.982  0.839   1.00 11.74 ? 6  DG  A "O5'" 1 
ATOM   103 C  "C5'" . DG  A 1 6 ? 9.292   -5.284  1.471   1.00 9.35  ? 6  DG  A "C5'" 1 
ATOM   104 C  "C4'" . DG  A 1 6 ? 10.653  -5.251  2.086   1.00 4.32  ? 6  DG  A "C4'" 1 
ATOM   105 O  "O4'" . DG  A 1 6 ? 10.482  -4.436  3.232   1.00 7.70  ? 6  DG  A "O4'" 1 
ATOM   106 C  "C3'" . DG  A 1 6 ? 11.047  -6.516  2.689   1.00 4.45  ? 6  DG  A "C3'" 1 
ATOM   107 O  "O3'" . DG  A 1 6 ? 12.465  -6.659  2.567   1.00 11.43 ? 6  DG  A "O3'" 1 
ATOM   108 C  "C2'" . DG  A 1 6 ? 10.475  -6.622  4.040   1.00 6.97  ? 6  DG  A "C2'" 1 
ATOM   109 C  "C1'" . DG  A 1 6 ? 10.625  -5.038  4.428   1.00 12.42 ? 6  DG  A "C1'" 1 
ATOM   110 N  N9    . DG  A 1 6 ? 9.754   -4.510  5.448   1.00 5.77  ? 6  DG  A N9    1 
ATOM   111 C  C8    . DG  A 1 6 ? 10.091  -3.610  6.418   1.00 6.06  ? 6  DG  A C8    1 
ATOM   112 N  N7    . DG  A 1 6 ? 9.072   -3.318  7.168   1.00 3.31  ? 6  DG  A N7    1 
ATOM   113 C  C5    . DG  A 1 6 ? 8.041   -4.069  6.637   1.00 5.14  ? 6  DG  A C5    1 
ATOM   114 C  C6    . DG  A 1 6 ? 6.705   -4.195  7.086   1.00 5.11  ? 6  DG  A C6    1 
ATOM   115 O  O6    . DG  A 1 6 ? 6.168   -3.529  7.964   1.00 7.39  ? 6  DG  A O6    1 
ATOM   116 N  N1    . DG  A 1 6 ? 5.951   -5.074  6.359   1.00 6.22  ? 6  DG  A N1    1 
ATOM   117 C  C2    . DG  A 1 6 ? 6.428   -5.747  5.276   1.00 3.65  ? 6  DG  A C2    1 
ATOM   118 N  N2    . DG  A 1 6 ? 5.665   -6.539  4.582   1.00 5.33  ? 6  DG  A N2    1 
ATOM   119 N  N3    . DG  A 1 6 ? 7.685   -5.734  4.856   1.00 6.44  ? 6  DG  A N3    1 
ATOM   120 C  C4    . DG  A 1 6 ? 8.422   -4.836  5.541   1.00 6.24  ? 6  DG  A C4    1 
ATOM   121 O  "O5'" . DC  B 1 1 ? -2.888  -7.812  8.168   1.00 25.26 ? 7  DC  B "O5'" 1 
ATOM   122 C  "C5'" . DC  B 1 1 ? -3.333  -7.610  6.876   1.00 11.47 ? 7  DC  B "C5'" 1 
ATOM   123 C  "C4'" . DC  B 1 1 ? -2.086  -7.849  6.034   1.00 4.74  ? 7  DC  B "C4'" 1 
ATOM   124 O  "O4'" . DC  B 1 1 ? -1.165  -6.827  5.960   1.00 5.54  ? 7  DC  B "O4'" 1 
ATOM   125 C  "C3'" . DC  B 1 1 ? -1.281  -9.104  6.444   1.00 5.30  ? 7  DC  B "C3'" 1 
ATOM   126 O  "O3'" . DC  B 1 1 ? -1.076  -9.764  5.127   1.00 9.77  ? 7  DC  B "O3'" 1 
ATOM   127 C  "C2'" . DC  B 1 1 ? 0.022   -8.673  6.886   1.00 9.05  ? 7  DC  B "C2'" 1 
ATOM   128 C  "C1'" . DC  B 1 1 ? 0.147   -7.290  6.080   1.00 5.18  ? 7  DC  B "C1'" 1 
ATOM   129 N  N1    . DC  B 1 1 ? 1.001   -6.298  6.847   1.00 5.55  ? 7  DC  B N1    1 
ATOM   130 C  C2    . DC  B 1 1 ? 2.291   -6.161  6.531   1.00 6.81  ? 7  DC  B C2    1 
ATOM   131 O  O2    . DC  B 1 1 ? 2.820   -6.815  5.602   1.00 7.90  ? 7  DC  B O2    1 
ATOM   132 N  N3    . DC  B 1 1 ? 3.067   -5.191  7.072   1.00 5.67  ? 7  DC  B N3    1 
ATOM   133 C  C4    . DC  B 1 1 ? 2.493   -4.384  8.012   1.00 4.80  ? 7  DC  B C4    1 
ATOM   134 N  N4    . DC  B 1 1 ? 3.336   -3.476  8.596   1.00 8.14  ? 7  DC  B N4    1 
ATOM   135 C  C5    . DC  B 1 1 ? 1.199   -4.513  8.381   1.00 4.16  ? 7  DC  B C5    1 
ATOM   136 C  C6    . DC  B 1 1 ? 0.462   -5.470  7.802   1.00 7.44  ? 7  DC  B C6    1 
ATOM   137 P  P     . DG  B 1 2 ? -1.917  -11.008 4.564   1.00 7.77  ? 8  DG  B P     1 
ATOM   138 O  OP1   . DG  B 1 2 ? -2.326  -11.766 5.663   1.00 11.36 ? 8  DG  B OP1   1 
ATOM   139 O  OP2   . DG  B 1 2 ? -1.084  -11.679 3.577   1.00 8.59  ? 8  DG  B OP2   1 
ATOM   140 O  "O5'" . DG  B 1 2 ? -3.220  -10.367 3.937   1.00 8.75  ? 8  DG  B "O5'" 1 
ATOM   141 C  "C5'" . DG  B 1 2 ? -3.030  -9.491  2.821   1.00 6.95  ? 8  DG  B "C5'" 1 
ATOM   142 C  "C4'" . DG  B 1 2 ? -4.326  -8.670  2.580   1.00 7.13  ? 8  DG  B "C4'" 1 
ATOM   143 O  "O4'" . DG  B 1 2 ? -4.770  -7.889  3.690   1.00 8.37  ? 8  DG  B "O4'" 1 
ATOM   144 C  "C3'" . DG  B 1 2 ? -4.304  -7.619  1.506   1.00 4.37  ? 8  DG  B "C3'" 1 
ATOM   145 O  "O3'" . DG  B 1 2 ? -4.724  -8.299  0.373   1.00 8.09  ? 8  DG  B "O3'" 1 
ATOM   146 C  "C2'" . DG  B 1 2 ? -5.196  -6.561  1.948   1.00 10.30 ? 8  DG  B "C2'" 1 
ATOM   147 C  "C1'" . DG  B 1 2 ? -5.349  -6.691  3.527   1.00 4.08  ? 8  DG  B "C1'" 1 
ATOM   148 N  N9    . DG  B 1 2 ? -4.711  -5.717  4.266   1.00 5.90  ? 8  DG  B N9    1 
ATOM   149 C  C8    . DG  B 1 2 ? -5.282  -5.095  5.242   1.00 10.34 ? 8  DG  B C8    1 
ATOM   150 N  N7    . DG  B 1 2 ? -4.453  -4.169  5.862   1.00 8.62  ? 8  DG  B N7    1 
ATOM   151 C  C5    . DG  B 1 2 ? -3.252  -4.338  5.220   1.00 8.59  ? 8  DG  B C5    1 
ATOM   152 C  C6    . DG  B 1 2 ? -2.022  -3.688  5.442   1.00 3.88  ? 8  DG  B C6    1 
ATOM   153 O  O6    . DG  B 1 2 ? -1.843  -2.836  6.354   1.00 7.91  ? 8  DG  B O6    1 
ATOM   154 N  N1    . DG  B 1 2 ? -1.078  -4.019  4.575   1.00 5.27  ? 8  DG  B N1    1 
ATOM   155 C  C2    . DG  B 1 2 ? -1.301  -4.941  3.662   1.00 4.85  ? 8  DG  B C2    1 
ATOM   156 N  N2    . DG  B 1 2 ? -0.353  -5.298  2.938   1.00 6.36  ? 8  DG  B N2    1 
ATOM   157 N  N3    . DG  B 1 2 ? -2.399  -5.582  3.418   1.00 5.73  ? 8  DG  B N3    1 
ATOM   158 C  C4    . DG  B 1 2 ? -3.381  -5.232  4.213   1.00 9.94  ? 8  DG  B C4    1 
ATOM   159 P  P     . DC  B 1 3 ? -3.619  -8.524  -0.837  1.00 11.91 ? 9  DC  B P     1 
ATOM   160 O  OP1   . DC  B 1 3 ? -4.154  -9.402  -1.787  1.00 12.71 ? 9  DC  B OP1   1 
ATOM   161 O  OP2   . DC  B 1 3 ? -2.367  -8.932  -0.255  1.00 16.36 ? 9  DC  B OP2   1 
ATOM   162 O  "O5'" . DC  B 1 3 ? -3.582  -7.011  -1.433  1.00 11.17 ? 9  DC  B "O5'" 1 
ATOM   163 C  "C5'" . DC  B 1 3 ? -3.389  -6.563  -2.822  1.00 9.66  ? 9  DC  B "C5'" 1 
ATOM   164 C  "C4'" . DC  B 1 3 ? -2.114  -5.635  -2.930  1.00 5.50  ? 9  DC  B "C4'" 1 
ATOM   165 O  "O4'" . DC  B 1 3 ? -2.435  -4.453  -2.238  1.00 3.79  ? 9  DC  B "O4'" 1 
ATOM   166 C  "C3'" . DC  B 1 3 ? -0.861  -6.248  -2.308  1.00 8.19  ? 9  DC  B "C3'" 1 
ATOM   167 O  "O3'" . DC  B 1 3 ? 0.207   -5.744  -3.105  1.00 6.56  ? 9  DC  B "O3'" 1 
ATOM   168 C  "C2'" . DC  B 1 3 ? -0.789  -5.511  -0.907  1.00 6.95  ? 9  DC  B "C2'" 1 
ATOM   169 C  "C1'" . DC  B 1 3 ? -1.386  -4.075  -1.360  1.00 4.63  ? 9  DC  B "C1'" 1 
ATOM   170 N  N1    . DC  B 1 3 ? -2.052  -3.425  -0.131  1.00 4.76  ? 9  DC  B N1    1 
ATOM   171 C  C2    . DC  B 1 3 ? -1.313  -2.588  0.675   1.00 9.81  ? 9  DC  B C2    1 
ATOM   172 O  O2    . DC  B 1 3 ? -0.126  -2.350  0.412   1.00 11.75 ? 9  DC  B O2    1 
ATOM   173 N  N3    . DC  B 1 3 ? -1.801  -1.982  1.773   1.00 5.24  ? 9  DC  B N3    1 
ATOM   174 C  C4    . DC  B 1 3 ? -3.066  -2.224  2.124   1.00 5.18  ? 9  DC  B C4    1 
ATOM   175 N  N4    . DC  B 1 3 ? -3.510  -1.663  3.227   1.00 5.74  ? 9  DC  B N4    1 
ATOM   176 C  C5    . DC  B 1 3 ? -3.859  -3.016  1.322   1.00 10.83 ? 9  DC  B C5    1 
ATOM   177 C  C6    . DC  B 1 3 ? -3.344  -3.624  0.207   1.00 8.79  ? 9  DC  B C6    1 
ATOM   178 P  P     . DG  B 1 4 ? 0.811   -6.641  -4.295  1.00 7.68  ? 10 DG  B P     1 
ATOM   179 O  OP1   . DG  B 1 4 ? 0.793   -7.995  -3.923  1.00 11.17 ? 10 DG  B OP1   1 
ATOM   180 O  OP2   . DG  B 1 4 ? 2.099   -5.869  -4.484  1.00 15.66 ? 10 DG  B OP2   1 
ATOM   181 O  "O5'" . DG  B 1 4 ? -0.178  -6.600  -5.503  1.00 6.32  ? 10 DG  B "O5'" 1 
ATOM   182 C  "C5'" . DG  B 1 4 ? -0.436  -5.257  -6.030  1.00 4.14  ? 10 DG  B "C5'" 1 
ATOM   183 C  "C4'" . DG  B 1 4 ? -1.392  -5.411  -7.091  1.00 6.99  ? 10 DG  B "C4'" 1 
ATOM   184 O  "O4'" . DG  B 1 4 ? -2.644  -5.773  -6.490  1.00 7.58  ? 10 DG  B "O4'" 1 
ATOM   185 C  "C3'" . DG  B 1 4 ? -1.694  -4.071  -7.822  1.00 6.76  ? 10 DG  B "C3'" 1 
ATOM   186 O  "O3'" . DG  B 1 4 ? -0.884  -4.130  -9.009  1.00 12.30 ? 10 DG  B "O3'" 1 
ATOM   187 C  "C2'" . DG  B 1 4 ? -3.180  -4.165  -8.097  1.00 7.34  ? 10 DG  B "C2'" 1 
ATOM   188 C  "C1'" . DG  B 1 4 ? -3.782  -5.053  -6.940  1.00 9.02  ? 10 DG  B "C1'" 1 
ATOM   189 N  N9    . DG  B 1 4 ? -4.477  -4.502  -5.860  1.00 5.63  ? 10 DG  B N9    1 
ATOM   190 C  C8    . DG  B 1 4 ? -5.702  -4.825  -5.431  1.00 8.57  ? 10 DG  B C8    1 
ATOM   191 N  N7    . DG  B 1 4 ? -6.107  -4.160  -4.358  1.00 8.13  ? 10 DG  B N7    1 
ATOM   192 C  C5    . DG  B 1 4 ? -5.047  -3.375  -4.109  1.00 4.96  ? 10 DG  B C5    1 
ATOM   193 C  C6    . DG  B 1 4 ? -4.859  -2.420  -3.047  1.00 10.75 ? 10 DG  B C6    1 
ATOM   194 O  O6    . DG  B 1 4 ? -5.700  -2.229  -2.128  1.00 8.71  ? 10 DG  B O6    1 
ATOM   195 N  N1    . DG  B 1 4 ? -3.706  -1.766  -3.056  1.00 5.10  ? 10 DG  B N1    1 
ATOM   196 C  C2    . DG  B 1 4 ? -2.757  -2.042  -3.989  1.00 5.48  ? 10 DG  B C2    1 
ATOM   197 N  N2    . DG  B 1 4 ? -1.636  -1.480  -3.940  1.00 6.88  ? 10 DG  B N2    1 
ATOM   198 N  N3    . DG  B 1 4 ? -2.771  -2.915  -5.022  1.00 4.30  ? 10 DG  B N3    1 
ATOM   199 C  C4    . DG  B 1 4 ? -3.984  -3.573  -4.950  1.00 8.06  ? 10 DG  B C4    1 
ATOM   200 P  P     . DC  B 1 5 ? 0.237   -3.016  -9.300  1.00 10.28 ? 11 DC  B P     1 
ATOM   201 O  OP1   . DC  B 1 5 ? 0.755   -3.255  -10.639 1.00 8.18  ? 11 DC  B OP1   1 
ATOM   202 O  OP2   . DC  B 1 5 ? 1.240   -3.001  -8.224  1.00 13.74 ? 11 DC  B OP2   1 
ATOM   203 O  "O5'" . DC  B 1 5 ? -0.674  -1.691  -9.463  1.00 13.12 ? 11 DC  B "O5'" 1 
ATOM   204 C  "C5'" . DC  B 1 5 ? -0.075  -0.590  -10.202 1.00 8.83  ? 11 DC  B "C5'" 1 
ATOM   205 C  "C4'" . DC  B 1 5 ? 0.024   0.739   -9.460  1.00 5.96  ? 11 DC  B "C4'" 1 
ATOM   206 O  "O4'" . DC  B 1 5 ? -1.205  1.110   -8.907  1.00 8.22  ? 11 DC  B "O4'" 1 
ATOM   207 C  "C3'" . DC  B 1 5 ? 0.864   0.687   -8.200  1.00 12.36 ? 11 DC  B "C3'" 1 
ATOM   208 O  "O3'" . DC  B 1 5 ? 1.491   1.967   -8.141  1.00 12.26 ? 11 DC  B "O3'" 1 
ATOM   209 C  "C2'" . DC  B 1 5 ? -0.147  0.407   -7.063  1.00 11.44 ? 11 DC  B "C2'" 1 
ATOM   210 C  "C1'" . DC  B 1 5 ? -1.308  1.379   -7.491  1.00 5.18  ? 11 DC  B "C1'" 1 
ATOM   211 N  N1    . DC  B 1 5 ? -2.622  0.819   -6.940  1.00 5.75  ? 11 DC  B N1    1 
ATOM   212 C  C2    . DC  B 1 5 ? -3.053  1.380   -5.763  1.00 6.06  ? 11 DC  B C2    1 
ATOM   213 O  O2    . DC  B 1 5 ? -2.403  2.275   -5.169  1.00 7.95  ? 11 DC  B O2    1 
ATOM   214 N  N3    . DC  B 1 5 ? -4.292  1.005   -5.275  1.00 4.33  ? 11 DC  B N3    1 
ATOM   215 C  C4    . DC  B 1 5 ? -5.037  0.049   -5.852  1.00 5.01  ? 11 DC  B C4    1 
ATOM   216 N  N4    . DC  B 1 5 ? -6.241  -0.280  -5.338  1.00 7.20  ? 11 DC  B N4    1 
ATOM   217 C  C5    . DC  B 1 5 ? -4.627  -0.578  -7.067  1.00 7.63  ? 11 DC  B C5    1 
ATOM   218 C  C6    . DC  B 1 5 ? -3.440  -0.093  -7.549  1.00 6.14  ? 11 DC  B C6    1 
ATOM   219 P  P     . DG  B 1 6 ? 3.036   2.045   -8.518  1.00 12.15 ? 12 DG  B P     1 
ATOM   220 O  OP1   . DG  B 1 6 ? 3.824   0.942   -8.123  1.00 15.74 ? 12 DG  B OP1   1 
ATOM   221 O  OP2   . DG  B 1 6 ? 3.507   3.320   -7.909  1.00 15.44 ? 12 DG  B OP2   1 
ATOM   222 O  "O5'" . DG  B 1 6 ? 2.944   1.958   -10.165 1.00 7.15  ? 12 DG  B "O5'" 1 
ATOM   223 C  "C5'" . DG  B 1 6 ? 2.435   3.131   -10.802 1.00 9.28  ? 12 DG  B "C5'" 1 
ATOM   224 C  "C4'" . DG  B 1 6 ? 2.505   2.756   -12.291 1.00 3.71  ? 12 DG  B "C4'" 1 
ATOM   225 O  "O4'" . DG  B 1 6 ? 1.375   1.817   -12.346 1.00 8.53  ? 12 DG  B "O4'" 1 
ATOM   226 C  "C3'" . DG  B 1 6 ? 2.198   3.864   -13.228 1.00 13.33 ? 12 DG  B "C3'" 1 
ATOM   227 O  "O3'" . DG  B 1 6 ? 2.712   3.721   -14.586 1.00 10.70 ? 12 DG  B "O3'" 1 
ATOM   228 C  "C2'" . DG  B 1 6 ? 0.652   3.994   -13.249 1.00 9.89  ? 12 DG  B "C2'" 1 
ATOM   229 C  "C1'" . DG  B 1 6 ? 0.324   2.446   -13.214 1.00 15.95 ? 12 DG  B "C1'" 1 
ATOM   230 N  N9    . DG  B 1 6 ? -0.975  1.940   -12.825 1.00 7.89  ? 12 DG  B N9    1 
ATOM   231 C  C8    . DG  B 1 6 ? -1.612  0.912   -13.456 1.00 5.42  ? 12 DG  B C8    1 
ATOM   232 N  N7    . DG  B 1 6 ? -2.804  0.715   -12.857 1.00 7.89  ? 12 DG  B N7    1 
ATOM   233 C  C5    . DG  B 1 6 ? -2.823  1.644   -11.825 1.00 4.93  ? 12 DG  B C5    1 
ATOM   234 C  C6    . DG  B 1 6 ? -3.784  1.852   -10.817 1.00 7.57  ? 12 DG  B C6    1 
ATOM   235 O  O6    . DG  B 1 6 ? -4.855  1.153   -10.724 1.00 7.86  ? 12 DG  B O6    1 
ATOM   236 N  N1    . DG  B 1 6 ? -3.529  2.853   -9.902  1.00 5.21  ? 12 DG  B N1    1 
ATOM   237 C  C2    . DG  B 1 6 ? -2.395  3.543   -9.995  1.00 7.71  ? 12 DG  B C2    1 
ATOM   238 N  N2    . DG  B 1 6 ? -2.243  4.357   -9.055  1.00 7.59  ? 12 DG  B N2    1 
ATOM   239 N  N3    . DG  B 1 6 ? -1.404  3.397   -10.899 1.00 4.03  ? 12 DG  B N3    1 
ATOM   240 C  C4    . DG  B 1 6 ? -1.711  2.441   -11.731 1.00 3.83  ? 12 DG  B C4    1 
HETATM 241 N  N1    . TER C 2 . ? 12.146  3.465   2.073   1.00 31.57 ? 13 TER A N1    1 
HETATM 242 C  C2    . TER C 2 . ? 12.911  2.190   2.704   1.00 32.97 ? 13 TER A C2    1 
HETATM 243 C  C3    . TER C 2 . ? 12.026  1.129   2.630   1.00 32.14 ? 13 TER A C3    1 
HETATM 244 C  C4    . TER C 2 . ? 10.658  2.169   2.745   1.00 35.07 ? 13 TER A C4    1 
HETATM 245 N  N5    . TER C 2 . ? 9.155   2.271   2.012   1.00 30.50 ? 13 TER A N5    1 
HETATM 246 C  C6    . TER C 2 . ? 9.573   1.077   1.233   1.00 32.54 ? 13 TER A C6    1 
HETATM 247 C  C7    . TER C 2 . ? 11.145  0.672   1.150   1.00 32.93 ? 13 TER A C7    1 
HETATM 248 C  C8    . TER C 2 . ? 11.302  -0.553  0.387   1.00 33.77 ? 13 TER A C8    1 
HETATM 249 N  N9    . TER C 2 . ? 10.222  -0.377  -1.100  1.00 32.18 ? 13 TER A N9    1 
HETATM 250 C  C10   . TER C 2 . ? 10.981  -1.613  -1.743  1.00 35.06 ? 13 TER A C10   1 
HETATM 251 C  C11   . TER C 2 . ? 11.526  -0.814  -2.971  1.00 33.90 ? 13 TER A C11   1 
HETATM 252 C  C12   . TER C 2 . ? 11.324  -1.172  -4.450  1.00 32.80 ? 13 TER A C12   1 
HETATM 253 C  C13   . TER C 2 . ? 10.623  -0.320  -5.463  1.00 34.73 ? 13 TER A C13   1 
HETATM 254 N  N14   . TER C 2 . ? 9.874   -1.060  -6.675  1.00 31.46 ? 13 TER A N14   1 
HETATM 255 N  N1    . TER D 2 . ? -0.656  12.856  4.517   1.00 27.41 ? 14 TER A N1    1 
HETATM 256 C  C2    . TER D 2 . ? -2.096  12.476  4.806   1.00 32.14 ? 14 TER A C2    1 
HETATM 257 C  C3    . TER D 2 . ? -1.588  11.661  5.822   1.00 33.24 ? 14 TER A C3    1 
HETATM 258 C  C4    . TER D 2 . ? -1.236  10.280  5.670   1.00 37.70 ? 14 TER A C4    1 
HETATM 259 N  N5    . TER D 2 . ? 0.229   9.751   6.008   1.00 31.58 ? 14 TER A N5    1 
HETATM 260 C  C6    . TER D 2 . ? 0.705   10.931  5.034   1.00 37.36 ? 14 TER A C6    1 
HETATM 261 C  C7    . TER D 2 . ? 0.172   10.873  3.759   1.00 38.62 ? 14 TER A C7    1 
HETATM 262 C  C8    . TER D 2 . ? -0.549  9.766   3.302   1.00 32.63 ? 14 TER A C8    1 
HETATM 263 N  N9    . TER D 2 . ? 0.704   8.576   3.371   1.00 31.89 ? 14 TER A N9    1 
HETATM 264 C  C10   . TER D 2 . ? 1.745   9.494   2.776   1.00 35.29 ? 14 TER A C10   1 
HETATM 265 C  C11   . TER D 2 . ? 2.380   8.525   1.904   1.00 36.02 ? 14 TER A C11   1 
HETATM 266 C  C12   . TER D 2 . ? 3.710   9.156   2.246   1.00 33.99 ? 14 TER A C12   1 
HETATM 267 C  C13   . TER D 2 . ? 5.186   7.710   2.006   1.00 33.46 ? 14 TER A C13   1 
HETATM 268 N  N14   . TER D 2 . ? 5.812   7.110   3.403   1.00 32.08 ? 14 TER A N14   1 
HETATM 269 MG MG    . MG  E 3 . ? -9.668  -3.609  2.802   1.00 22.81 ? 15 MG  B MG    1 
HETATM 270 MG MG    . MG  F 3 . ? -8.367  -2.866  0.170   1.00 35.93 ? 16 MG  B MG    1 
HETATM 271 O  O     . HOH G 4 . ? -1.000  14.492  7.196   1.00 15.38 ? 19 HOH A O     1 
HETATM 272 O  O     . HOH G 4 . ? -10.581 2.145   -1.695  1.00 23.20 ? 20 HOH A O     1 
HETATM 273 O  O     . HOH G 4 . ? 3.381   13.142  6.295   1.00 36.57 ? 21 HOH A O     1 
HETATM 274 O  O     . HOH G 4 . ? -9.472  1.518   -3.992  1.00 20.38 ? 22 HOH A O     1 
HETATM 275 O  O     . HOH G 4 . ? -7.612  3.831   4.124   1.00 16.83 ? 23 HOH A O     1 
HETATM 276 O  O     . HOH G 4 . ? -0.364  11.877  8.734   1.00 21.74 ? 24 HOH A O     1 
HETATM 277 O  O     . HOH G 4 . ? 3.795   10.854  6.259   1.00 41.33 ? 27 HOH A O     1 
HETATM 278 O  O     . HOH G 4 . ? -11.130 4.706   -2.928  1.00 13.05 ? 28 HOH A O     1 
HETATM 279 O  O     . HOH G 4 . ? -7.052  0.736   2.229   1.00 22.30 ? 29 HOH A O     1 
HETATM 280 O  O     . HOH G 4 . ? -0.316  6.757   5.344   1.00 23.29 ? 31 HOH A O     1 
HETATM 281 O  O     . HOH G 4 . ? 5.178   8.533   4.494   1.00 21.90 ? 32 HOH A O     1 
HETATM 282 O  O     . HOH G 4 . ? -3.804  2.210   4.457   1.00 18.40 ? 33 HOH A O     1 
HETATM 283 O  O     . HOH G 4 . ? -2.272  7.033   9.399   1.00 29.51 ? 35 HOH A O     1 
HETATM 284 O  O     . HOH G 4 . ? 3.337   10.803  10.702  1.00 44.44 ? 36 HOH A O     1 
HETATM 285 O  O     . HOH G 4 . ? 3.982   0.441   -0.334  1.00 25.18 ? 39 HOH A O     1 
HETATM 286 O  O     . HOH G 4 . ? -9.935  -7.235  1.918   1.00 48.24 ? 41 HOH A O     1 
HETATM 287 O  O     . HOH G 4 . ? 2.055   8.242   10.968  1.00 14.42 ? 42 HOH A O     1 
HETATM 288 O  O     . HOH G 4 . ? 3.014   10.982  13.560  1.00 20.86 ? 43 HOH A O     1 
HETATM 289 O  O     . HOH G 4 . ? 2.544   -4.297  0.425   1.00 14.34 ? 46 HOH A O     1 
HETATM 290 O  O     . HOH G 4 . ? 10.996  4.894   4.729   1.00 29.16 ? 47 HOH A O     1 
HETATM 291 O  O     . HOH G 4 . ? 11.312  6.991   6.862   1.00 15.70 ? 48 HOH A O     1 
HETATM 292 O  O     . HOH G 4 . ? 3.661   6.781   12.248  1.00 13.28 ? 49 HOH A O     1 
HETATM 293 O  O     . HOH G 4 . ? 1.930   0.119   8.797   1.00 13.15 ? 51 HOH A O     1 
HETATM 294 O  O     . HOH G 4 . ? 0.125   2.315   10.309  1.00 25.74 ? 52 HOH A O     1 
HETATM 295 O  O     . HOH G 4 . ? -9.270  0.181   1.260   1.00 27.76 ? 53 HOH A O     1 
HETATM 296 O  O     . HOH G 4 . ? 14.969  6.977   2.201   1.00 15.09 ? 55 HOH A O     1 
HETATM 297 O  O     . HOH G 4 . ? 4.070   -4.256  -1.291  1.00 50.20 ? 56 HOH A O     1 
HETATM 298 O  O     . HOH G 4 . ? 5.510   -2.244  -4.803  1.00 31.71 ? 61 HOH A O     1 
HETATM 299 O  O     . HOH G 4 . ? 7.414   4.209   -1.275  1.00 38.67 ? 62 HOH A O     1 
HETATM 300 O  O     . HOH G 4 . ? 7.103   2.394   -3.170  1.00 34.26 ? 63 HOH A O     1 
HETATM 301 O  O     . HOH G 4 . ? 10.363  9.577   -1.345  1.00 32.93 ? 64 HOH A O     1 
HETATM 302 O  O     . HOH G 4 . ? 6.433   13.441  4.697   1.00 37.35 ? 65 HOH A O     1 
HETATM 303 O  O     . HOH G 4 . ? 1.362   13.354  4.372   1.00 41.28 ? 66 HOH A O     1 
HETATM 304 O  O     . HOH G 4 . ? 1.063   15.596  9.509   1.00 34.63 ? 67 HOH A O     1 
HETATM 305 O  O     . HOH G 4 . ? 2.569   12.419  8.693   1.00 18.02 ? 69 HOH A O     1 
HETATM 306 O  O     . HOH G 4 . ? 11.861  2.600   -0.476  1.00 43.22 ? 74 HOH A O     1 
HETATM 307 O  O     . HOH G 4 . ? 12.810  7.166   5.718   1.00 43.43 ? 75 HOH A O     1 
HETATM 308 O  O     . HOH G 4 . ? 14.906  2.702   2.192   1.00 35.24 ? 76 HOH A O     1 
HETATM 309 O  O     . HOH G 4 . ? 5.589   -2.096  -1.583  1.00 35.30 ? 77 HOH A O     1 
HETATM 310 O  O     . HOH G 4 . ? 6.722   -5.122  -4.174  1.00 40.54 ? 78 HOH A O     1 
HETATM 311 O  O     . HOH G 4 . ? -10.642 -1.496  2.508   1.00 29.20 ? 81 HOH A O     1 
HETATM 312 O  O     . HOH G 4 . ? -10.206 -3.335  0.988   1.00 36.24 ? 83 HOH A O     1 
HETATM 313 O  O     . HOH G 4 . ? -9.282  -5.335  0.298   1.00 31.61 ? 85 HOH A O     1 
HETATM 314 O  O     . HOH H 4 . ? -7.754  -2.044  -6.913  1.00 15.22 ? 17 HOH B O     1 
HETATM 315 O  O     . HOH H 4 . ? -0.926  -3.717  -11.913 1.00 39.84 ? 18 HOH B O     1 
HETATM 316 O  O     . HOH H 4 . ? 4.322   1.190   -5.122  1.00 50.95 ? 25 HOH B O     1 
HETATM 317 O  O     . HOH H 4 . ? 5.747   0.868   -6.678  1.00 55.68 ? 26 HOH B O     1 
HETATM 318 O  O     . HOH H 4 . ? 1.039   -2.023  -5.380  1.00 12.29 ? 30 HOH B O     1 
HETATM 319 O  O     . HOH H 4 . ? 1.683   -1.142  -1.877  1.00 20.35 ? 34 HOH B O     1 
HETATM 320 O  O     . HOH H 4 . ? -8.223  -12.131 -6.153  1.00 11.66 ? 37 HOH B O     1 
HETATM 321 O  O     . HOH H 4 . ? -6.279  -1.463  3.656   1.00 17.51 ? 38 HOH B O     1 
HETATM 322 O  O     . HOH H 4 . ? -8.125  -9.885  -1.217  1.00 25.20 ? 40 HOH B O     1 
HETATM 323 O  O     . HOH H 4 . ? -0.649  -9.820  -3.547  1.00 24.25 ? 44 HOH B O     1 
HETATM 324 O  O     . HOH H 4 . ? -4.300  -0.932  7.541   1.00 24.38 ? 45 HOH B O     1 
HETATM 325 O  O     . HOH H 4 . ? -6.640  -12.373 -2.323  1.00 34.33 ? 50 HOH B O     1 
HETATM 326 O  O     . HOH H 4 . ? 2.290   -3.534  -3.883  1.00 41.38 ? 54 HOH B O     1 
HETATM 327 O  O     . HOH H 4 . ? -8.833  -3.670  7.157   1.00 25.13 ? 57 HOH B O     1 
HETATM 328 O  O     . HOH H 4 . ? 6.292   3.702   -8.172  1.00 38.27 ? 58 HOH B O     1 
HETATM 329 O  O     . HOH H 4 . ? 6.769   5.411   -5.259  1.00 37.23 ? 59 HOH B O     1 
HETATM 330 O  O     . HOH H 4 . ? -4.910  1.412   5.941   1.00 25.63 ? 60 HOH B O     1 
HETATM 331 O  O     . HOH H 4 . ? 8.387   2.603   -4.617  1.00 47.23 ? 68 HOH B O     1 
HETATM 332 O  O     . HOH H 4 . ? -7.836  -6.319  -1.388  1.00 26.27 ? 70 HOH B O     1 
HETATM 333 O  O     . HOH H 4 . ? -8.838  -0.363  5.582   1.00 28.45 ? 71 HOH B O     1 
HETATM 334 O  O     . HOH H 4 . ? -8.226  -7.530  2.957   1.00 43.66 ? 72 HOH B O     1 
HETATM 335 O  O     . HOH H 4 . ? -10.894 -5.237  4.603   1.00 30.26 ? 73 HOH B O     1 
HETATM 336 O  O     . HOH H 4 . ? -5.967  -8.172  -2.448  1.00 34.33 ? 79 HOH B O     1 
HETATM 337 O  O     . HOH H 4 . ? -9.095  -5.610  3.353   1.00 18.71 ? 80 HOH B O     1 
HETATM 338 O  O     . HOH H 4 . ? -9.307  -2.585  4.701   1.00 24.04 ? 82 HOH B O     1 
HETATM 339 O  O     . HOH H 4 . ? -7.425  -3.325  2.129   1.00 32.37 ? 84 HOH B O     1 
HETATM 340 O  O     . HOH H 4 . ? -8.301  -0.967  -1.083  1.00 40.79 ? 86 HOH B O     1 
HETATM 341 O  O     . HOH H 4 . ? -8.568  -4.099  -2.193  1.00 56.63 ? 87 HOH B O     1 
HETATM 342 O  O     . HOH H 4 . ? -6.740  -3.556  -0.751  1.00 18.32 ? 88 HOH B O     1 
# 
